data_112D
# 
_entry.id   112D 
# 
_audit_conform.dict_name       mmcif_pdbx.dic 
_audit_conform.dict_version    5.385 
_audit_conform.dict_location   http://mmcif.pdb.org/dictionaries/ascii/mmcif_pdbx.dic 
# 
loop_
_database_2.database_id 
_database_2.database_code 
_database_2.pdbx_database_accession 
_database_2.pdbx_DOI 
PDB   112D         pdb_0000112d 10.2210/pdb112d/pdb 
RCSB  BDL012       ?            ?                   
WWPDB D_1000170033 ?            ?                   
# 
loop_
_pdbx_audit_revision_history.ordinal 
_pdbx_audit_revision_history.data_content_type 
_pdbx_audit_revision_history.major_revision 
_pdbx_audit_revision_history.minor_revision 
_pdbx_audit_revision_history.revision_date 
1 'Structure model' 1 0 1993-07-15 
2 'Structure model' 1 1 2008-05-22 
3 'Structure model' 1 2 2011-07-13 
4 'Structure model' 1 3 2024-02-07 
# 
_pdbx_audit_revision_details.ordinal             1 
_pdbx_audit_revision_details.revision_ordinal    1 
_pdbx_audit_revision_details.data_content_type   'Structure model' 
_pdbx_audit_revision_details.provider            repository 
_pdbx_audit_revision_details.type                'Initial release' 
_pdbx_audit_revision_details.description         ? 
_pdbx_audit_revision_details.details             ? 
# 
loop_
_pdbx_audit_revision_group.ordinal 
_pdbx_audit_revision_group.revision_ordinal 
_pdbx_audit_revision_group.data_content_type 
_pdbx_audit_revision_group.group 
1 2 'Structure model' 'Version format compliance' 
2 3 'Structure model' 'Version format compliance' 
3 4 'Structure model' 'Data collection'           
4 4 'Structure model' 'Database references'       
# 
loop_
_pdbx_audit_revision_category.ordinal 
_pdbx_audit_revision_category.revision_ordinal 
_pdbx_audit_revision_category.data_content_type 
_pdbx_audit_revision_category.category 
1 4 'Structure model' chem_comp_atom 
2 4 'Structure model' chem_comp_bond 
3 4 'Structure model' database_2     
# 
loop_
_pdbx_audit_revision_item.ordinal 
_pdbx_audit_revision_item.revision_ordinal 
_pdbx_audit_revision_item.data_content_type 
_pdbx_audit_revision_item.item 
1 4 'Structure model' '_database_2.pdbx_DOI'                
2 4 'Structure model' '_database_2.pdbx_database_accession' 
# 
_pdbx_database_status.status_code                     REL 
_pdbx_database_status.entry_id                        112D 
_pdbx_database_status.recvd_initial_deposition_date   1993-01-04 
_pdbx_database_status.deposit_site                    BNL 
_pdbx_database_status.process_site                    NDB 
_pdbx_database_status.SG_entry                        . 
_pdbx_database_status.pdb_format_compatible           Y 
_pdbx_database_status.status_code_mr                  ? 
_pdbx_database_status.status_code_sf                  ? 
_pdbx_database_status.status_code_cs                  ? 
_pdbx_database_status.status_code_nmr_data            ? 
_pdbx_database_status.methods_development_category    ? 
# 
loop_
_audit_author.name 
_audit_author.pdbx_ordinal 
'Brown, T.'    1 
'Hunter, W.N.' 2 
'Kneale, G.'   3 
'Kennard, O.'  4 
# 
_citation.id                        primary 
_citation.title                     
'Molecular structure of the G.A base pair in DNA and its implications for the mechanism of transversion mutations.' 
_citation.journal_abbrev            Proc.Natl.Acad.Sci.USA 
_citation.journal_volume            83 
_citation.page_first                2402 
_citation.page_last                 2406 
_citation.year                      1986 
_citation.journal_id_ASTM           PNASA6 
_citation.country                   US 
_citation.journal_id_ISSN           0027-8424 
_citation.journal_id_CSD            0040 
_citation.book_publisher            ? 
_citation.pdbx_database_id_PubMed   3458205 
_citation.pdbx_database_id_DOI      10.1073/pnas.83.8.2402 
# 
loop_
_citation_author.citation_id 
_citation_author.name 
_citation_author.ordinal 
_citation_author.identifier_ORCID 
primary 'Brown, T.'    1 ? 
primary 'Hunter, W.N.' 2 ? 
primary 'Kneale, G.'   3 ? 
primary 'Kennard, O.'  4 ? 
# 
loop_
_entity.id 
_entity.type 
_entity.src_method 
_entity.pdbx_description 
_entity.formula_weight 
_entity.pdbx_number_of_molecules 
_entity.pdbx_ec 
_entity.pdbx_mutation 
_entity.pdbx_fragment 
_entity.details 
1 polymer syn 
;DNA (5'-D(*CP*GP*CP*GP*AP*AP*TP*TP*AP*GP*CP*G)-3')
;
3687.417 2  ? ? ? ? 
2 water   nat water                                                18.015   83 ? ? ? ? 
# 
_entity_poly.entity_id                      1 
_entity_poly.type                           polydeoxyribonucleotide 
_entity_poly.nstd_linkage                   no 
_entity_poly.nstd_monomer                   no 
_entity_poly.pdbx_seq_one_letter_code       '(DC)(DG)(DC)(DG)(DA)(DA)(DT)(DT)(DA)(DG)(DC)(DG)' 
_entity_poly.pdbx_seq_one_letter_code_can   CGCGAATTAGCG 
_entity_poly.pdbx_strand_id                 A,B 
_entity_poly.pdbx_target_identifier         ? 
# 
_pdbx_entity_nonpoly.entity_id   2 
_pdbx_entity_nonpoly.name        water 
_pdbx_entity_nonpoly.comp_id     HOH 
# 
loop_
_entity_poly_seq.entity_id 
_entity_poly_seq.num 
_entity_poly_seq.mon_id 
_entity_poly_seq.hetero 
1 1  DC n 
1 2  DG n 
1 3  DC n 
1 4  DG n 
1 5  DA n 
1 6  DA n 
1 7  DT n 
1 8  DT n 
1 9  DA n 
1 10 DG n 
1 11 DC n 
1 12 DG n 
# 
loop_
_chem_comp.id 
_chem_comp.type 
_chem_comp.mon_nstd_flag 
_chem_comp.name 
_chem_comp.pdbx_synonyms 
_chem_comp.formula 
_chem_comp.formula_weight 
DA  'DNA linking' y "2'-DEOXYADENOSINE-5'-MONOPHOSPHATE" ? 'C10 H14 N5 O6 P' 331.222 
DC  'DNA linking' y "2'-DEOXYCYTIDINE-5'-MONOPHOSPHATE"  ? 'C9 H14 N3 O7 P'  307.197 
DG  'DNA linking' y "2'-DEOXYGUANOSINE-5'-MONOPHOSPHATE" ? 'C10 H14 N5 O7 P' 347.221 
DT  'DNA linking' y "THYMIDINE-5'-MONOPHOSPHATE"         ? 'C10 H15 N2 O8 P' 322.208 
HOH non-polymer   . WATER                                ? 'H2 O'            18.015  
# 
loop_
_pdbx_poly_seq_scheme.asym_id 
_pdbx_poly_seq_scheme.entity_id 
_pdbx_poly_seq_scheme.seq_id 
_pdbx_poly_seq_scheme.mon_id 
_pdbx_poly_seq_scheme.ndb_seq_num 
_pdbx_poly_seq_scheme.pdb_seq_num 
_pdbx_poly_seq_scheme.auth_seq_num 
_pdbx_poly_seq_scheme.pdb_mon_id 
_pdbx_poly_seq_scheme.auth_mon_id 
_pdbx_poly_seq_scheme.pdb_strand_id 
_pdbx_poly_seq_scheme.pdb_ins_code 
_pdbx_poly_seq_scheme.hetero 
A 1 1  DC 1  1  1  DC C A . n 
A 1 2  DG 2  2  2  DG G A . n 
A 1 3  DC 3  3  3  DC C A . n 
A 1 4  DG 4  4  4  DG G A . n 
A 1 5  DA 5  5  5  DA A A . n 
A 1 6  DA 6  6  6  DA A A . n 
A 1 7  DT 7  7  7  DT T A . n 
A 1 8  DT 8  8  8  DT T A . n 
A 1 9  DA 9  9  9  DA A A . n 
A 1 10 DG 10 10 10 DG G A . n 
A 1 11 DC 11 11 11 DC C A . n 
A 1 12 DG 12 12 12 DG G A . n 
B 1 1  DC 1  13 13 DC C B . n 
B 1 2  DG 2  14 14 DG G B . n 
B 1 3  DC 3  15 15 DC C B . n 
B 1 4  DG 4  16 16 DG G B . n 
B 1 5  DA 5  17 17 DA A B . n 
B 1 6  DA 6  18 18 DA A B . n 
B 1 7  DT 7  19 19 DT T B . n 
B 1 8  DT 8  20 20 DT T B . n 
B 1 9  DA 9  21 21 DA A B . n 
B 1 10 DG 10 22 22 DG G B . n 
B 1 11 DC 11 23 23 DC C B . n 
B 1 12 DG 12 24 24 DG G B . n 
# 
loop_
_pdbx_nonpoly_scheme.asym_id 
_pdbx_nonpoly_scheme.entity_id 
_pdbx_nonpoly_scheme.mon_id 
_pdbx_nonpoly_scheme.ndb_seq_num 
_pdbx_nonpoly_scheme.pdb_seq_num 
_pdbx_nonpoly_scheme.auth_seq_num 
_pdbx_nonpoly_scheme.pdb_mon_id 
_pdbx_nonpoly_scheme.auth_mon_id 
_pdbx_nonpoly_scheme.pdb_strand_id 
_pdbx_nonpoly_scheme.pdb_ins_code 
C 2 HOH 1  27  27  HOH HOH A . 
C 2 HOH 2  31  31  HOH HOH A . 
C 2 HOH 3  33  33  HOH HOH A . 
C 2 HOH 4  34  34  HOH HOH A . 
C 2 HOH 5  36  36  HOH HOH A . 
C 2 HOH 6  41  41  HOH HOH A . 
C 2 HOH 7  42  42  HOH HOH A . 
C 2 HOH 8  49  49  HOH HOH A . 
C 2 HOH 9  51  51  HOH HOH A . 
C 2 HOH 10 53  53  HOH HOH A . 
C 2 HOH 11 56  56  HOH HOH A . 
C 2 HOH 12 58  58  HOH HOH A . 
C 2 HOH 13 62  62  HOH HOH A . 
C 2 HOH 14 63  63  HOH HOH A . 
C 2 HOH 15 65  65  HOH HOH A . 
C 2 HOH 16 67  67  HOH HOH A . 
C 2 HOH 17 68  68  HOH HOH A . 
C 2 HOH 18 69  69  HOH HOH A . 
C 2 HOH 19 70  70  HOH HOH A . 
C 2 HOH 20 71  71  HOH HOH A . 
C 2 HOH 21 72  72  HOH HOH A . 
C 2 HOH 22 74  74  HOH HOH A . 
C 2 HOH 23 76  76  HOH HOH A . 
C 2 HOH 24 78  78  HOH HOH A . 
C 2 HOH 25 80  80  HOH HOH A . 
C 2 HOH 26 81  81  HOH HOH A . 
C 2 HOH 27 82  82  HOH HOH A . 
C 2 HOH 28 84  84  HOH HOH A . 
C 2 HOH 29 85  85  HOH HOH A . 
C 2 HOH 30 86  86  HOH HOH A . 
C 2 HOH 31 87  87  HOH HOH A . 
C 2 HOH 32 89  89  HOH HOH A . 
C 2 HOH 33 90  90  HOH HOH A . 
C 2 HOH 34 91  91  HOH HOH A . 
C 2 HOH 35 94  94  HOH HOH A . 
C 2 HOH 36 97  97  HOH HOH A . 
C 2 HOH 37 99  99  HOH HOH A . 
C 2 HOH 38 102 102 HOH HOH A . 
C 2 HOH 39 103 103 HOH HOH A . 
C 2 HOH 40 105 105 HOH HOH A . 
C 2 HOH 41 107 107 HOH HOH A . 
D 2 HOH 1  25  25  HOH HOH B . 
D 2 HOH 2  26  26  HOH HOH B . 
D 2 HOH 3  28  28  HOH HOH B . 
D 2 HOH 4  29  29  HOH HOH B . 
D 2 HOH 5  30  30  HOH HOH B . 
D 2 HOH 6  32  32  HOH HOH B . 
D 2 HOH 7  35  35  HOH HOH B . 
D 2 HOH 8  37  37  HOH HOH B . 
D 2 HOH 9  38  38  HOH HOH B . 
D 2 HOH 10 39  39  HOH HOH B . 
D 2 HOH 11 40  40  HOH HOH B . 
D 2 HOH 12 43  43  HOH HOH B . 
D 2 HOH 13 44  44  HOH HOH B . 
D 2 HOH 14 45  45  HOH HOH B . 
D 2 HOH 15 46  46  HOH HOH B . 
D 2 HOH 16 47  47  HOH HOH B . 
D 2 HOH 17 48  48  HOH HOH B . 
D 2 HOH 18 50  50  HOH HOH B . 
D 2 HOH 19 52  52  HOH HOH B . 
D 2 HOH 20 54  54  HOH HOH B . 
D 2 HOH 21 55  55  HOH HOH B . 
D 2 HOH 22 57  57  HOH HOH B . 
D 2 HOH 23 59  59  HOH HOH B . 
D 2 HOH 24 60  60  HOH HOH B . 
D 2 HOH 25 61  61  HOH HOH B . 
D 2 HOH 26 64  64  HOH HOH B . 
D 2 HOH 27 66  66  HOH HOH B . 
D 2 HOH 28 73  73  HOH HOH B . 
D 2 HOH 29 75  75  HOH HOH B . 
D 2 HOH 30 77  77  HOH HOH B . 
D 2 HOH 31 79  79  HOH HOH B . 
D 2 HOH 32 83  83  HOH HOH B . 
D 2 HOH 33 88  88  HOH HOH B . 
D 2 HOH 34 92  92  HOH HOH B . 
D 2 HOH 35 93  93  HOH HOH B . 
D 2 HOH 36 95  95  HOH HOH B . 
D 2 HOH 37 96  96  HOH HOH B . 
D 2 HOH 38 98  98  HOH HOH B . 
D 2 HOH 39 100 100 HOH HOH B . 
D 2 HOH 40 101 101 HOH HOH B . 
D 2 HOH 41 104 104 HOH HOH B . 
D 2 HOH 42 106 106 HOH HOH B . 
# 
_software.name             NUCLSQ 
_software.classification   refinement 
_software.version          . 
_software.citation_id      ? 
_software.pdbx_ordinal     1 
# 
_cell.entry_id           112D 
_cell.length_a           25.690 
_cell.length_b           41.960 
_cell.length_c           65.190 
_cell.angle_alpha        90.00 
_cell.angle_beta         90.00 
_cell.angle_gamma        90.00 
_cell.Z_PDB              8 
_cell.pdbx_unique_axis   ? 
# 
_symmetry.entry_id                         112D 
_symmetry.space_group_name_H-M             'P 21 21 21' 
_symmetry.pdbx_full_space_group_name_H-M   ? 
_symmetry.cell_setting                     ? 
_symmetry.Int_Tables_number                19 
# 
_exptl.entry_id          112D 
_exptl.method            'X-RAY DIFFRACTION' 
_exptl.crystals_number   ? 
# 
_exptl_crystal.id                    1 
_exptl_crystal.density_meas          ? 
_exptl_crystal.density_Matthews      2.38 
_exptl_crystal.density_percent_sol   48.37 
_exptl_crystal.description           ? 
# 
_exptl_crystal_grow.crystal_id      1 
_exptl_crystal_grow.method          'VAPOR DIFFUSION, SITTING DROP' 
_exptl_crystal_grow.temp            ? 
_exptl_crystal_grow.temp_details    ? 
_exptl_crystal_grow.pH              7.40 
_exptl_crystal_grow.pdbx_details    'pH 7.40, VAPOR DIFFUSION, SITTING DROP' 
_exptl_crystal_grow.pdbx_pH_range   ? 
# 
loop_
_exptl_crystal_grow_comp.crystal_id 
_exptl_crystal_grow_comp.id 
_exptl_crystal_grow_comp.sol_id 
_exptl_crystal_grow_comp.name 
_exptl_crystal_grow_comp.volume 
_exptl_crystal_grow_comp.conc 
_exptl_crystal_grow_comp.details 
1 1 1 WATER           ? ? ? 
1 2 1 MPD             ? ? ? 
1 3 1 'NA CACODYLATE' ? ? ? 
1 4 1 'MG ACETATE'    ? ? ? 
1 5 1 SPERMINE        ? ? ? 
# 
_diffrn.id                     1 
_diffrn.ambient_temp           278.00 
_diffrn.ambient_temp_details   ? 
_diffrn.crystal_id             1 
# 
_diffrn_detector.diffrn_id              1 
_diffrn_detector.detector               DIFFRACTOMETER 
_diffrn_detector.type                   'SYNTEX P21' 
_diffrn_detector.pdbx_collection_date   ? 
_diffrn_detector.details                ? 
# 
_diffrn_radiation.diffrn_id                        1 
_diffrn_radiation.wavelength_id                    1 
_diffrn_radiation.pdbx_monochromatic_or_laue_m_l   ? 
_diffrn_radiation.monochromator                    ? 
_diffrn_radiation.pdbx_diffrn_protocol             ? 
_diffrn_radiation.pdbx_scattering_type             x-ray 
# 
_diffrn_radiation_wavelength.id           1 
_diffrn_radiation_wavelength.wavelength   . 
_diffrn_radiation_wavelength.wt           1.0 
# 
_diffrn_source.diffrn_id                   1 
_diffrn_source.source                      ? 
_diffrn_source.type                        ? 
_diffrn_source.pdbx_synchrotron_site       ? 
_diffrn_source.pdbx_synchrotron_beamline   ? 
_diffrn_source.pdbx_wavelength             ? 
_diffrn_source.pdbx_wavelength_list        ? 
# 
_reflns.entry_id                     112D 
_reflns.observed_criterion_sigma_I   0.000 
_reflns.observed_criterion_sigma_F   ? 
_reflns.d_resolution_low             ? 
_reflns.d_resolution_high            2.500 
_reflns.number_obs                   2707 
_reflns.number_all                   ? 
_reflns.percent_possible_obs         ? 
_reflns.pdbx_Rmerge_I_obs            ? 
_reflns.pdbx_Rsym_value              ? 
_reflns.pdbx_netI_over_sigmaI        ? 
_reflns.B_iso_Wilson_estimate        ? 
_reflns.pdbx_redundancy              ? 
_reflns.pdbx_diffrn_id               1 
_reflns.pdbx_ordinal                 1 
# 
_refine.entry_id                                 112D 
_refine.ls_number_reflns_obs                     1298 
_refine.ls_number_reflns_all                     ? 
_refine.pdbx_ls_sigma_I                          2.000 
_refine.pdbx_ls_sigma_F                          ? 
_refine.pdbx_data_cutoff_high_absF               ? 
_refine.pdbx_data_cutoff_low_absF                ? 
_refine.pdbx_data_cutoff_high_rms_absF           ? 
_refine.ls_d_res_low                             8.000 
_refine.ls_d_res_high                            2.500 
_refine.ls_percent_reflns_obs                    ? 
_refine.ls_R_factor_obs                          0.1700000 
_refine.ls_R_factor_all                          ? 
_refine.ls_R_factor_R_work                       ? 
_refine.ls_R_factor_R_free                       ? 
_refine.ls_R_factor_R_free_error                 ? 
_refine.ls_R_factor_R_free_error_details         ? 
_refine.ls_percent_reflns_R_free                 ? 
_refine.ls_number_reflns_R_free                  ? 
_refine.ls_number_parameters                     ? 
_refine.ls_number_restraints                     ? 
_refine.occupancy_min                            ? 
_refine.occupancy_max                            ? 
_refine.B_iso_mean                               ? 
_refine.aniso_B[1][1]                            ? 
_refine.aniso_B[2][2]                            ? 
_refine.aniso_B[3][3]                            ? 
_refine.aniso_B[1][2]                            ? 
_refine.aniso_B[1][3]                            ? 
_refine.aniso_B[2][3]                            ? 
_refine.solvent_model_details                    ? 
_refine.solvent_model_param_ksol                 ? 
_refine.solvent_model_param_bsol                 ? 
_refine.pdbx_ls_cross_valid_method               ? 
_refine.details                                  ? 
_refine.pdbx_starting_model                      ? 
_refine.pdbx_method_to_determine_struct          ? 
_refine.pdbx_isotropic_thermal_model             ? 
_refine.pdbx_stereochemistry_target_values       ? 
_refine.pdbx_stereochem_target_val_spec_case     ? 
_refine.pdbx_R_Free_selection_details            ? 
_refine.pdbx_overall_ESU_R                       ? 
_refine.pdbx_overall_ESU_R_Free                  ? 
_refine.overall_SU_ML                            ? 
_refine.overall_SU_B                             ? 
_refine.pdbx_refine_id                           'X-RAY DIFFRACTION' 
_refine.pdbx_diffrn_id                           1 
_refine.pdbx_TLS_residual_ADP_flag               ? 
_refine.correlation_coeff_Fo_to_Fc               ? 
_refine.correlation_coeff_Fo_to_Fc_free          ? 
_refine.pdbx_solvent_vdw_probe_radii             ? 
_refine.pdbx_solvent_ion_probe_radii             ? 
_refine.pdbx_solvent_shrinkage_radii             ? 
_refine.pdbx_overall_phase_error                 ? 
_refine.overall_SU_R_Cruickshank_DPI             ? 
_refine.pdbx_overall_SU_R_free_Cruickshank_DPI   ? 
_refine.pdbx_overall_SU_R_Blow_DPI               ? 
_refine.pdbx_overall_SU_R_free_Blow_DPI          ? 
# 
_refine_hist.pdbx_refine_id                   'X-RAY DIFFRACTION' 
_refine_hist.cycle_id                         LAST 
_refine_hist.pdbx_number_atoms_protein        0 
_refine_hist.pdbx_number_atoms_nucleic_acid   490 
_refine_hist.pdbx_number_atoms_ligand         0 
_refine_hist.number_atoms_solvent             83 
_refine_hist.number_atoms_total               573 
_refine_hist.d_res_high                       2.500 
_refine_hist.d_res_low                        8.000 
# 
_struct.entry_id                  112D 
_struct.title                     
'MOLECULAR STRUCTURE OF THE G.A BASE PAIR IN DNA AND ITS IMPLICATIONS FOR THE MECHANISM OF TRANSVERSION MUTATIONS' 
_struct.pdbx_model_details        ? 
_struct.pdbx_CASP_flag            ? 
_struct.pdbx_model_type_details   ? 
# 
_struct_keywords.entry_id        112D 
_struct_keywords.pdbx_keywords   DNA 
_struct_keywords.text            'B-DNA, DOUBLE HELIX, MISMATCHED, DNA' 
# 
loop_
_struct_asym.id 
_struct_asym.pdbx_blank_PDB_chainid_flag 
_struct_asym.pdbx_modified 
_struct_asym.entity_id 
_struct_asym.details 
A N N 1 ? 
B N N 1 ? 
C N N 2 ? 
D N N 2 ? 
# 
_struct_ref.id                         1 
_struct_ref.entity_id                  1 
_struct_ref.db_name                    PDB 
_struct_ref.db_code                    112D 
_struct_ref.pdbx_db_accession          112D 
_struct_ref.pdbx_db_isoform            ? 
_struct_ref.pdbx_seq_one_letter_code   ? 
_struct_ref.pdbx_align_begin           ? 
# 
loop_
_struct_ref_seq.align_id 
_struct_ref_seq.ref_id 
_struct_ref_seq.pdbx_PDB_id_code 
_struct_ref_seq.pdbx_strand_id 
_struct_ref_seq.seq_align_beg 
_struct_ref_seq.pdbx_seq_align_beg_ins_code 
_struct_ref_seq.seq_align_end 
_struct_ref_seq.pdbx_seq_align_end_ins_code 
_struct_ref_seq.pdbx_db_accession 
_struct_ref_seq.db_align_beg 
_struct_ref_seq.pdbx_db_align_beg_ins_code 
_struct_ref_seq.db_align_end 
_struct_ref_seq.pdbx_db_align_end_ins_code 
_struct_ref_seq.pdbx_auth_seq_align_beg 
_struct_ref_seq.pdbx_auth_seq_align_end 
1 1 112D A 1 ? 12 ? 112D 1  ? 12 ? 1  12 
2 1 112D B 1 ? 12 ? 112D 13 ? 24 ? 13 24 
# 
_pdbx_struct_assembly.id                   1 
_pdbx_struct_assembly.details              author_defined_assembly 
_pdbx_struct_assembly.method_details       ? 
_pdbx_struct_assembly.oligomeric_details   dimeric 
_pdbx_struct_assembly.oligomeric_count     2 
# 
_pdbx_struct_assembly_gen.assembly_id       1 
_pdbx_struct_assembly_gen.oper_expression   1 
_pdbx_struct_assembly_gen.asym_id_list      A,B,C,D 
# 
_pdbx_struct_oper_list.id                   1 
_pdbx_struct_oper_list.type                 'identity operation' 
_pdbx_struct_oper_list.name                 1_555 
_pdbx_struct_oper_list.symmetry_operation   x,y,z 
_pdbx_struct_oper_list.matrix[1][1]         1.0000000000 
_pdbx_struct_oper_list.matrix[1][2]         0.0000000000 
_pdbx_struct_oper_list.matrix[1][3]         0.0000000000 
_pdbx_struct_oper_list.vector[1]            0.0000000000 
_pdbx_struct_oper_list.matrix[2][1]         0.0000000000 
_pdbx_struct_oper_list.matrix[2][2]         1.0000000000 
_pdbx_struct_oper_list.matrix[2][3]         0.0000000000 
_pdbx_struct_oper_list.vector[2]            0.0000000000 
_pdbx_struct_oper_list.matrix[3][1]         0.0000000000 
_pdbx_struct_oper_list.matrix[3][2]         0.0000000000 
_pdbx_struct_oper_list.matrix[3][3]         1.0000000000 
_pdbx_struct_oper_list.vector[3]            0.0000000000 
# 
_struct_biol.id   1 
# 
loop_
_struct_conn.id 
_struct_conn.conn_type_id 
_struct_conn.pdbx_leaving_atom_flag 
_struct_conn.pdbx_PDB_id 
_struct_conn.ptnr1_label_asym_id 
_struct_conn.ptnr1_label_comp_id 
_struct_conn.ptnr1_label_seq_id 
_struct_conn.ptnr1_label_atom_id 
_struct_conn.pdbx_ptnr1_label_alt_id 
_struct_conn.pdbx_ptnr1_PDB_ins_code 
_struct_conn.pdbx_ptnr1_standard_comp_id 
_struct_conn.ptnr1_symmetry 
_struct_conn.ptnr2_label_asym_id 
_struct_conn.ptnr2_label_comp_id 
_struct_conn.ptnr2_label_seq_id 
_struct_conn.ptnr2_label_atom_id 
_struct_conn.pdbx_ptnr2_label_alt_id 
_struct_conn.pdbx_ptnr2_PDB_ins_code 
_struct_conn.ptnr1_auth_asym_id 
_struct_conn.ptnr1_auth_comp_id 
_struct_conn.ptnr1_auth_seq_id 
_struct_conn.ptnr2_auth_asym_id 
_struct_conn.ptnr2_auth_comp_id 
_struct_conn.ptnr2_auth_seq_id 
_struct_conn.ptnr2_symmetry 
_struct_conn.pdbx_ptnr3_label_atom_id 
_struct_conn.pdbx_ptnr3_label_seq_id 
_struct_conn.pdbx_ptnr3_label_comp_id 
_struct_conn.pdbx_ptnr3_label_asym_id 
_struct_conn.pdbx_ptnr3_label_alt_id 
_struct_conn.pdbx_ptnr3_PDB_ins_code 
_struct_conn.details 
_struct_conn.pdbx_dist_value 
_struct_conn.pdbx_value_order 
_struct_conn.pdbx_role 
hydrog1  hydrog ? ? A DC 1  N3 ? ? ? 1_555 B DG 12 N1 ? ? A DC 1  B DG 24 1_555 ? ? ? ? ? ? WATSON-CRICK ? ? ? 
hydrog2  hydrog ? ? A DC 1  N4 ? ? ? 1_555 B DG 12 O6 ? ? A DC 1  B DG 24 1_555 ? ? ? ? ? ? WATSON-CRICK ? ? ? 
hydrog3  hydrog ? ? A DC 1  O2 ? ? ? 1_555 B DG 12 N2 ? ? A DC 1  B DG 24 1_555 ? ? ? ? ? ? WATSON-CRICK ? ? ? 
hydrog4  hydrog ? ? A DG 2  N1 ? ? ? 1_555 B DC 11 N3 ? ? A DG 2  B DC 23 1_555 ? ? ? ? ? ? WATSON-CRICK ? ? ? 
hydrog5  hydrog ? ? A DG 2  N2 ? ? ? 1_555 B DC 11 O2 ? ? A DG 2  B DC 23 1_555 ? ? ? ? ? ? WATSON-CRICK ? ? ? 
hydrog6  hydrog ? ? A DG 2  O6 ? ? ? 1_555 B DC 11 N4 ? ? A DG 2  B DC 23 1_555 ? ? ? ? ? ? WATSON-CRICK ? ? ? 
hydrog7  hydrog ? ? A DC 3  N3 ? ? ? 1_555 B DG 10 N1 ? ? A DC 3  B DG 22 1_555 ? ? ? ? ? ? WATSON-CRICK ? ? ? 
hydrog8  hydrog ? ? A DC 3  N4 ? ? ? 1_555 B DG 10 O6 ? ? A DC 3  B DG 22 1_555 ? ? ? ? ? ? WATSON-CRICK ? ? ? 
hydrog9  hydrog ? ? A DC 3  O2 ? ? ? 1_555 B DG 10 N2 ? ? A DC 3  B DG 22 1_555 ? ? ? ? ? ? WATSON-CRICK ? ? ? 
hydrog10 hydrog ? ? A DG 4  N1 ? ? ? 1_555 B DA 9  N7 ? ? A DG 4  B DA 21 1_555 ? ? ? ? ? ? TYPE_9_PAIR  ? ? ? 
hydrog11 hydrog ? ? A DG 4  O6 ? ? ? 1_555 B DA 9  N6 ? ? A DG 4  B DA 21 1_555 ? ? ? ? ? ? TYPE_9_PAIR  ? ? ? 
hydrog12 hydrog ? ? A DA 5  N1 ? ? ? 1_555 B DT 8  N3 ? ? A DA 5  B DT 20 1_555 ? ? ? ? ? ? WATSON-CRICK ? ? ? 
hydrog13 hydrog ? ? A DA 5  N6 ? ? ? 1_555 B DT 8  O4 ? ? A DA 5  B DT 20 1_555 ? ? ? ? ? ? WATSON-CRICK ? ? ? 
hydrog14 hydrog ? ? A DA 6  N1 ? ? ? 1_555 B DT 7  N3 ? ? A DA 6  B DT 19 1_555 ? ? ? ? ? ? WATSON-CRICK ? ? ? 
hydrog15 hydrog ? ? A DA 6  N6 ? ? ? 1_555 B DT 7  O4 ? ? A DA 6  B DT 19 1_555 ? ? ? ? ? ? WATSON-CRICK ? ? ? 
hydrog16 hydrog ? ? A DT 7  N3 ? ? ? 1_555 B DA 6  N1 ? ? A DT 7  B DA 18 1_555 ? ? ? ? ? ? WATSON-CRICK ? ? ? 
hydrog17 hydrog ? ? A DT 7  O4 ? ? ? 1_555 B DA 6  N6 ? ? A DT 7  B DA 18 1_555 ? ? ? ? ? ? WATSON-CRICK ? ? ? 
hydrog18 hydrog ? ? A DT 8  N3 ? ? ? 1_555 B DA 5  N1 ? ? A DT 8  B DA 17 1_555 ? ? ? ? ? ? WATSON-CRICK ? ? ? 
hydrog19 hydrog ? ? A DT 8  O4 ? ? ? 1_555 B DA 5  N6 ? ? A DT 8  B DA 17 1_555 ? ? ? ? ? ? WATSON-CRICK ? ? ? 
hydrog20 hydrog ? ? A DA 9  N6 ? ? ? 1_555 B DG 4  O6 ? ? A DA 9  B DG 16 1_555 ? ? ? ? ? ? TYPE_9_PAIR  ? ? ? 
hydrog21 hydrog ? ? A DA 9  N7 ? ? ? 1_555 B DG 4  N1 ? ? A DA 9  B DG 16 1_555 ? ? ? ? ? ? TYPE_9_PAIR  ? ? ? 
hydrog22 hydrog ? ? A DG 10 N1 ? ? ? 1_555 B DC 3  N3 ? ? A DG 10 B DC 15 1_555 ? ? ? ? ? ? WATSON-CRICK ? ? ? 
hydrog23 hydrog ? ? A DG 10 N2 ? ? ? 1_555 B DC 3  O2 ? ? A DG 10 B DC 15 1_555 ? ? ? ? ? ? WATSON-CRICK ? ? ? 
hydrog24 hydrog ? ? A DG 10 O6 ? ? ? 1_555 B DC 3  N4 ? ? A DG 10 B DC 15 1_555 ? ? ? ? ? ? WATSON-CRICK ? ? ? 
hydrog25 hydrog ? ? A DC 11 N3 ? ? ? 1_555 B DG 2  N1 ? ? A DC 11 B DG 14 1_555 ? ? ? ? ? ? WATSON-CRICK ? ? ? 
hydrog26 hydrog ? ? A DC 11 N4 ? ? ? 1_555 B DG 2  O6 ? ? A DC 11 B DG 14 1_555 ? ? ? ? ? ? WATSON-CRICK ? ? ? 
hydrog27 hydrog ? ? A DC 11 O2 ? ? ? 1_555 B DG 2  N2 ? ? A DC 11 B DG 14 1_555 ? ? ? ? ? ? WATSON-CRICK ? ? ? 
hydrog28 hydrog ? ? A DG 12 N1 ? ? ? 1_555 B DC 1  N3 ? ? A DG 12 B DC 13 1_555 ? ? ? ? ? ? WATSON-CRICK ? ? ? 
hydrog29 hydrog ? ? A DG 12 N2 ? ? ? 1_555 B DC 1  O2 ? ? A DG 12 B DC 13 1_555 ? ? ? ? ? ? WATSON-CRICK ? ? ? 
hydrog30 hydrog ? ? A DG 12 O6 ? ? ? 1_555 B DC 1  N4 ? ? A DG 12 B DC 13 1_555 ? ? ? ? ? ? WATSON-CRICK ? ? ? 
# 
_struct_conn_type.id          hydrog 
_struct_conn_type.criteria    ? 
_struct_conn_type.reference   ? 
# 
loop_
_pdbx_validate_symm_contact.id 
_pdbx_validate_symm_contact.PDB_model_num 
_pdbx_validate_symm_contact.auth_atom_id_1 
_pdbx_validate_symm_contact.auth_asym_id_1 
_pdbx_validate_symm_contact.auth_comp_id_1 
_pdbx_validate_symm_contact.auth_seq_id_1 
_pdbx_validate_symm_contact.PDB_ins_code_1 
_pdbx_validate_symm_contact.label_alt_id_1 
_pdbx_validate_symm_contact.site_symmetry_1 
_pdbx_validate_symm_contact.auth_atom_id_2 
_pdbx_validate_symm_contact.auth_asym_id_2 
_pdbx_validate_symm_contact.auth_comp_id_2 
_pdbx_validate_symm_contact.auth_seq_id_2 
_pdbx_validate_symm_contact.PDB_ins_code_2 
_pdbx_validate_symm_contact.label_alt_id_2 
_pdbx_validate_symm_contact.site_symmetry_2 
_pdbx_validate_symm_contact.dist 
1 1 O   A HOH 49 ? ? 1_555 O A HOH 87 ? ? 3_645 1.84 
2 1 O   A HOH 67 ? ? 1_555 O B HOH 93 ? ? 4_465 1.94 
3 1 OP1 A DG  12 ? ? 1_555 O B HOH 44 ? ? 2_664 2.11 
# 
loop_
_pdbx_validate_rmsd_angle.id 
_pdbx_validate_rmsd_angle.PDB_model_num 
_pdbx_validate_rmsd_angle.auth_atom_id_1 
_pdbx_validate_rmsd_angle.auth_asym_id_1 
_pdbx_validate_rmsd_angle.auth_comp_id_1 
_pdbx_validate_rmsd_angle.auth_seq_id_1 
_pdbx_validate_rmsd_angle.PDB_ins_code_1 
_pdbx_validate_rmsd_angle.label_alt_id_1 
_pdbx_validate_rmsd_angle.auth_atom_id_2 
_pdbx_validate_rmsd_angle.auth_asym_id_2 
_pdbx_validate_rmsd_angle.auth_comp_id_2 
_pdbx_validate_rmsd_angle.auth_seq_id_2 
_pdbx_validate_rmsd_angle.PDB_ins_code_2 
_pdbx_validate_rmsd_angle.label_alt_id_2 
_pdbx_validate_rmsd_angle.auth_atom_id_3 
_pdbx_validate_rmsd_angle.auth_asym_id_3 
_pdbx_validate_rmsd_angle.auth_comp_id_3 
_pdbx_validate_rmsd_angle.auth_seq_id_3 
_pdbx_validate_rmsd_angle.PDB_ins_code_3 
_pdbx_validate_rmsd_angle.label_alt_id_3 
_pdbx_validate_rmsd_angle.angle_value 
_pdbx_validate_rmsd_angle.angle_target_value 
_pdbx_validate_rmsd_angle.angle_deviation 
_pdbx_validate_rmsd_angle.angle_standard_deviation 
_pdbx_validate_rmsd_angle.linker_flag 
1  1 "O4'" A DC 1  ? ? "C1'" A DC 1  ? ? N1    A DC 1  ? ? 110.20 108.30 1.90  0.30 N 
2  1 "O4'" A DG 2  ? ? "C1'" A DG 2  ? ? N9    A DG 2  ? ? 111.96 108.30 3.66  0.30 N 
3  1 "O4'" A DC 3  ? ? "C1'" A DC 3  ? ? "C2'" A DC 3  ? ? 109.91 106.80 3.11  0.50 N 
4  1 N1    A DC 3  ? ? "C1'" A DC 3  ? ? "C2'" A DC 3  ? ? 124.45 114.30 10.15 1.40 N 
5  1 "O4'" A DC 3  ? ? "C1'" A DC 3  ? ? N1    A DC 3  ? ? 115.41 108.30 7.11  0.30 N 
6  1 "O4'" A DG 4  ? ? "C1'" A DG 4  ? ? N9    A DG 4  ? ? 112.75 108.30 4.45  0.30 N 
7  1 "O4'" A DA 6  ? ? "C1'" A DA 6  ? ? N9    A DA 6  ? ? 102.00 108.00 -6.00 0.70 N 
8  1 "C3'" A DT 7  ? ? "O3'" A DT 7  ? ? P     A DT 8  ? ? 127.56 119.70 7.86  1.20 Y 
9  1 N1    A DT 8  ? ? "C1'" A DT 8  ? ? "C2'" A DT 8  ? ? 122.94 114.30 8.64  1.40 N 
10 1 "C3'" A DT 8  ? ? "O3'" A DT 8  ? ? P     A DA 9  ? ? 133.60 119.70 13.90 1.20 Y 
11 1 "O4'" A DG 10 ? ? "C1'" A DG 10 ? ? N9    A DG 10 ? ? 115.06 108.30 6.76  0.30 N 
12 1 "O4'" A DC 11 ? ? "C1'" A DC 11 ? ? N1    A DC 11 ? ? 110.98 108.30 2.68  0.30 N 
13 1 "O4'" A DG 12 ? ? "C1'" A DG 12 ? ? N9    A DG 12 ? ? 102.85 108.00 -5.15 0.70 N 
14 1 "C3'" B DC 13 ? ? "O3'" B DC 13 ? ? P     B DG 14 ? ? 127.85 119.70 8.15  1.20 Y 
15 1 "O4'" B DG 14 ? ? "C1'" B DG 14 ? ? N9    B DG 14 ? ? 117.52 108.30 9.22  0.30 N 
16 1 C8    B DG 14 ? ? N9    B DG 14 ? ? C4    B DG 14 ? ? 103.96 106.40 -2.44 0.40 N 
17 1 "O4'" B DC 15 ? ? "C4'" B DC 15 ? ? "C3'" B DC 15 ? ? 101.16 104.50 -3.34 0.40 N 
18 1 "O4'" B DC 15 ? ? "C1'" B DC 15 ? ? "C2'" B DC 15 ? ? 110.86 106.80 4.06  0.50 N 
19 1 "O4'" B DC 15 ? ? "C1'" B DC 15 ? ? N1    B DC 15 ? ? 116.28 108.30 7.98  0.30 N 
20 1 "O4'" B DG 16 ? ? "C1'" B DG 16 ? ? N9    B DG 16 ? ? 115.94 108.30 7.64  0.30 N 
21 1 "C3'" B DG 16 ? ? "O3'" B DG 16 ? ? P     B DA 17 ? ? 127.39 119.70 7.69  1.20 Y 
22 1 "C3'" B DA 17 ? ? "O3'" B DA 17 ? ? P     B DA 18 ? ? 130.31 119.70 10.61 1.20 Y 
23 1 N3    B DT 20 ? ? C2    B DT 20 ? ? O2    B DT 20 ? ? 118.55 122.30 -3.75 0.60 N 
24 1 "C1'" B DG 22 ? ? "O4'" B DG 22 ? ? "C4'" B DG 22 ? ? 103.68 110.10 -6.42 1.00 N 
25 1 "O4'" B DC 23 ? ? "C1'" B DC 23 ? ? N1    B DC 23 ? ? 115.07 108.30 6.77  0.30 N 
# 
loop_
_refine_B_iso.class 
_refine_B_iso.details 
_refine_B_iso.treatment 
_refine_B_iso.pdbx_refine_id 
'ALL ATOMS'  TR isotropic 'X-RAY DIFFRACTION' 
'ALL WATERS' TR isotropic 'X-RAY DIFFRACTION' 
# 
loop_
_refine_occupancy.class 
_refine_occupancy.treatment 
_refine_occupancy.pdbx_refine_id 
'ALL ATOMS'  fix 'X-RAY DIFFRACTION' 
'ALL WATERS' fix 'X-RAY DIFFRACTION' 
# 
loop_
_chem_comp_atom.comp_id 
_chem_comp_atom.atom_id 
_chem_comp_atom.type_symbol 
_chem_comp_atom.pdbx_aromatic_flag 
_chem_comp_atom.pdbx_stereo_config 
_chem_comp_atom.pdbx_ordinal 
DA  OP3    O N N 1   
DA  P      P N N 2   
DA  OP1    O N N 3   
DA  OP2    O N N 4   
DA  "O5'"  O N N 5   
DA  "C5'"  C N N 6   
DA  "C4'"  C N R 7   
DA  "O4'"  O N N 8   
DA  "C3'"  C N S 9   
DA  "O3'"  O N N 10  
DA  "C2'"  C N N 11  
DA  "C1'"  C N R 12  
DA  N9     N Y N 13  
DA  C8     C Y N 14  
DA  N7     N Y N 15  
DA  C5     C Y N 16  
DA  C6     C Y N 17  
DA  N6     N N N 18  
DA  N1     N Y N 19  
DA  C2     C Y N 20  
DA  N3     N Y N 21  
DA  C4     C Y N 22  
DA  HOP3   H N N 23  
DA  HOP2   H N N 24  
DA  "H5'"  H N N 25  
DA  "H5''" H N N 26  
DA  "H4'"  H N N 27  
DA  "H3'"  H N N 28  
DA  "HO3'" H N N 29  
DA  "H2'"  H N N 30  
DA  "H2''" H N N 31  
DA  "H1'"  H N N 32  
DA  H8     H N N 33  
DA  H61    H N N 34  
DA  H62    H N N 35  
DA  H2     H N N 36  
DC  OP3    O N N 37  
DC  P      P N N 38  
DC  OP1    O N N 39  
DC  OP2    O N N 40  
DC  "O5'"  O N N 41  
DC  "C5'"  C N N 42  
DC  "C4'"  C N R 43  
DC  "O4'"  O N N 44  
DC  "C3'"  C N S 45  
DC  "O3'"  O N N 46  
DC  "C2'"  C N N 47  
DC  "C1'"  C N R 48  
DC  N1     N N N 49  
DC  C2     C N N 50  
DC  O2     O N N 51  
DC  N3     N N N 52  
DC  C4     C N N 53  
DC  N4     N N N 54  
DC  C5     C N N 55  
DC  C6     C N N 56  
DC  HOP3   H N N 57  
DC  HOP2   H N N 58  
DC  "H5'"  H N N 59  
DC  "H5''" H N N 60  
DC  "H4'"  H N N 61  
DC  "H3'"  H N N 62  
DC  "HO3'" H N N 63  
DC  "H2'"  H N N 64  
DC  "H2''" H N N 65  
DC  "H1'"  H N N 66  
DC  H41    H N N 67  
DC  H42    H N N 68  
DC  H5     H N N 69  
DC  H6     H N N 70  
DG  OP3    O N N 71  
DG  P      P N N 72  
DG  OP1    O N N 73  
DG  OP2    O N N 74  
DG  "O5'"  O N N 75  
DG  "C5'"  C N N 76  
DG  "C4'"  C N R 77  
DG  "O4'"  O N N 78  
DG  "C3'"  C N S 79  
DG  "O3'"  O N N 80  
DG  "C2'"  C N N 81  
DG  "C1'"  C N R 82  
DG  N9     N Y N 83  
DG  C8     C Y N 84  
DG  N7     N Y N 85  
DG  C5     C Y N 86  
DG  C6     C N N 87  
DG  O6     O N N 88  
DG  N1     N N N 89  
DG  C2     C N N 90  
DG  N2     N N N 91  
DG  N3     N N N 92  
DG  C4     C Y N 93  
DG  HOP3   H N N 94  
DG  HOP2   H N N 95  
DG  "H5'"  H N N 96  
DG  "H5''" H N N 97  
DG  "H4'"  H N N 98  
DG  "H3'"  H N N 99  
DG  "HO3'" H N N 100 
DG  "H2'"  H N N 101 
DG  "H2''" H N N 102 
DG  "H1'"  H N N 103 
DG  H8     H N N 104 
DG  H1     H N N 105 
DG  H21    H N N 106 
DG  H22    H N N 107 
DT  OP3    O N N 108 
DT  P      P N N 109 
DT  OP1    O N N 110 
DT  OP2    O N N 111 
DT  "O5'"  O N N 112 
DT  "C5'"  C N N 113 
DT  "C4'"  C N R 114 
DT  "O4'"  O N N 115 
DT  "C3'"  C N S 116 
DT  "O3'"  O N N 117 
DT  "C2'"  C N N 118 
DT  "C1'"  C N R 119 
DT  N1     N N N 120 
DT  C2     C N N 121 
DT  O2     O N N 122 
DT  N3     N N N 123 
DT  C4     C N N 124 
DT  O4     O N N 125 
DT  C5     C N N 126 
DT  C7     C N N 127 
DT  C6     C N N 128 
DT  HOP3   H N N 129 
DT  HOP2   H N N 130 
DT  "H5'"  H N N 131 
DT  "H5''" H N N 132 
DT  "H4'"  H N N 133 
DT  "H3'"  H N N 134 
DT  "HO3'" H N N 135 
DT  "H2'"  H N N 136 
DT  "H2''" H N N 137 
DT  "H1'"  H N N 138 
DT  H3     H N N 139 
DT  H71    H N N 140 
DT  H72    H N N 141 
DT  H73    H N N 142 
DT  H6     H N N 143 
HOH O      O N N 144 
HOH H1     H N N 145 
HOH H2     H N N 146 
# 
loop_
_chem_comp_bond.comp_id 
_chem_comp_bond.atom_id_1 
_chem_comp_bond.atom_id_2 
_chem_comp_bond.value_order 
_chem_comp_bond.pdbx_aromatic_flag 
_chem_comp_bond.pdbx_stereo_config 
_chem_comp_bond.pdbx_ordinal 
DA  OP3   P      sing N N 1   
DA  OP3   HOP3   sing N N 2   
DA  P     OP1    doub N N 3   
DA  P     OP2    sing N N 4   
DA  P     "O5'"  sing N N 5   
DA  OP2   HOP2   sing N N 6   
DA  "O5'" "C5'"  sing N N 7   
DA  "C5'" "C4'"  sing N N 8   
DA  "C5'" "H5'"  sing N N 9   
DA  "C5'" "H5''" sing N N 10  
DA  "C4'" "O4'"  sing N N 11  
DA  "C4'" "C3'"  sing N N 12  
DA  "C4'" "H4'"  sing N N 13  
DA  "O4'" "C1'"  sing N N 14  
DA  "C3'" "O3'"  sing N N 15  
DA  "C3'" "C2'"  sing N N 16  
DA  "C3'" "H3'"  sing N N 17  
DA  "O3'" "HO3'" sing N N 18  
DA  "C2'" "C1'"  sing N N 19  
DA  "C2'" "H2'"  sing N N 20  
DA  "C2'" "H2''" sing N N 21  
DA  "C1'" N9     sing N N 22  
DA  "C1'" "H1'"  sing N N 23  
DA  N9    C8     sing Y N 24  
DA  N9    C4     sing Y N 25  
DA  C8    N7     doub Y N 26  
DA  C8    H8     sing N N 27  
DA  N7    C5     sing Y N 28  
DA  C5    C6     sing Y N 29  
DA  C5    C4     doub Y N 30  
DA  C6    N6     sing N N 31  
DA  C6    N1     doub Y N 32  
DA  N6    H61    sing N N 33  
DA  N6    H62    sing N N 34  
DA  N1    C2     sing Y N 35  
DA  C2    N3     doub Y N 36  
DA  C2    H2     sing N N 37  
DA  N3    C4     sing Y N 38  
DC  OP3   P      sing N N 39  
DC  OP3   HOP3   sing N N 40  
DC  P     OP1    doub N N 41  
DC  P     OP2    sing N N 42  
DC  P     "O5'"  sing N N 43  
DC  OP2   HOP2   sing N N 44  
DC  "O5'" "C5'"  sing N N 45  
DC  "C5'" "C4'"  sing N N 46  
DC  "C5'" "H5'"  sing N N 47  
DC  "C5'" "H5''" sing N N 48  
DC  "C4'" "O4'"  sing N N 49  
DC  "C4'" "C3'"  sing N N 50  
DC  "C4'" "H4'"  sing N N 51  
DC  "O4'" "C1'"  sing N N 52  
DC  "C3'" "O3'"  sing N N 53  
DC  "C3'" "C2'"  sing N N 54  
DC  "C3'" "H3'"  sing N N 55  
DC  "O3'" "HO3'" sing N N 56  
DC  "C2'" "C1'"  sing N N 57  
DC  "C2'" "H2'"  sing N N 58  
DC  "C2'" "H2''" sing N N 59  
DC  "C1'" N1     sing N N 60  
DC  "C1'" "H1'"  sing N N 61  
DC  N1    C2     sing N N 62  
DC  N1    C6     sing N N 63  
DC  C2    O2     doub N N 64  
DC  C2    N3     sing N N 65  
DC  N3    C4     doub N N 66  
DC  C4    N4     sing N N 67  
DC  C4    C5     sing N N 68  
DC  N4    H41    sing N N 69  
DC  N4    H42    sing N N 70  
DC  C5    C6     doub N N 71  
DC  C5    H5     sing N N 72  
DC  C6    H6     sing N N 73  
DG  OP3   P      sing N N 74  
DG  OP3   HOP3   sing N N 75  
DG  P     OP1    doub N N 76  
DG  P     OP2    sing N N 77  
DG  P     "O5'"  sing N N 78  
DG  OP2   HOP2   sing N N 79  
DG  "O5'" "C5'"  sing N N 80  
DG  "C5'" "C4'"  sing N N 81  
DG  "C5'" "H5'"  sing N N 82  
DG  "C5'" "H5''" sing N N 83  
DG  "C4'" "O4'"  sing N N 84  
DG  "C4'" "C3'"  sing N N 85  
DG  "C4'" "H4'"  sing N N 86  
DG  "O4'" "C1'"  sing N N 87  
DG  "C3'" "O3'"  sing N N 88  
DG  "C3'" "C2'"  sing N N 89  
DG  "C3'" "H3'"  sing N N 90  
DG  "O3'" "HO3'" sing N N 91  
DG  "C2'" "C1'"  sing N N 92  
DG  "C2'" "H2'"  sing N N 93  
DG  "C2'" "H2''" sing N N 94  
DG  "C1'" N9     sing N N 95  
DG  "C1'" "H1'"  sing N N 96  
DG  N9    C8     sing Y N 97  
DG  N9    C4     sing Y N 98  
DG  C8    N7     doub Y N 99  
DG  C8    H8     sing N N 100 
DG  N7    C5     sing Y N 101 
DG  C5    C6     sing N N 102 
DG  C5    C4     doub Y N 103 
DG  C6    O6     doub N N 104 
DG  C6    N1     sing N N 105 
DG  N1    C2     sing N N 106 
DG  N1    H1     sing N N 107 
DG  C2    N2     sing N N 108 
DG  C2    N3     doub N N 109 
DG  N2    H21    sing N N 110 
DG  N2    H22    sing N N 111 
DG  N3    C4     sing N N 112 
DT  OP3   P      sing N N 113 
DT  OP3   HOP3   sing N N 114 
DT  P     OP1    doub N N 115 
DT  P     OP2    sing N N 116 
DT  P     "O5'"  sing N N 117 
DT  OP2   HOP2   sing N N 118 
DT  "O5'" "C5'"  sing N N 119 
DT  "C5'" "C4'"  sing N N 120 
DT  "C5'" "H5'"  sing N N 121 
DT  "C5'" "H5''" sing N N 122 
DT  "C4'" "O4'"  sing N N 123 
DT  "C4'" "C3'"  sing N N 124 
DT  "C4'" "H4'"  sing N N 125 
DT  "O4'" "C1'"  sing N N 126 
DT  "C3'" "O3'"  sing N N 127 
DT  "C3'" "C2'"  sing N N 128 
DT  "C3'" "H3'"  sing N N 129 
DT  "O3'" "HO3'" sing N N 130 
DT  "C2'" "C1'"  sing N N 131 
DT  "C2'" "H2'"  sing N N 132 
DT  "C2'" "H2''" sing N N 133 
DT  "C1'" N1     sing N N 134 
DT  "C1'" "H1'"  sing N N 135 
DT  N1    C2     sing N N 136 
DT  N1    C6     sing N N 137 
DT  C2    O2     doub N N 138 
DT  C2    N3     sing N N 139 
DT  N3    C4     sing N N 140 
DT  N3    H3     sing N N 141 
DT  C4    O4     doub N N 142 
DT  C4    C5     sing N N 143 
DT  C5    C7     sing N N 144 
DT  C5    C6     doub N N 145 
DT  C7    H71    sing N N 146 
DT  C7    H72    sing N N 147 
DT  C7    H73    sing N N 148 
DT  C6    H6     sing N N 149 
HOH O     H1     sing N N 150 
HOH O     H2     sing N N 151 
# 
loop_
_ndb_struct_conf_na.entry_id 
_ndb_struct_conf_na.feature 
112D 'double helix'         
112D 'b-form double helix'  
112D 'mismatched base pair' 
# 
loop_
_ndb_struct_na_base_pair.model_number 
_ndb_struct_na_base_pair.i_label_asym_id 
_ndb_struct_na_base_pair.i_label_comp_id 
_ndb_struct_na_base_pair.i_label_seq_id 
_ndb_struct_na_base_pair.i_symmetry 
_ndb_struct_na_base_pair.j_label_asym_id 
_ndb_struct_na_base_pair.j_label_comp_id 
_ndb_struct_na_base_pair.j_label_seq_id 
_ndb_struct_na_base_pair.j_symmetry 
_ndb_struct_na_base_pair.shear 
_ndb_struct_na_base_pair.stretch 
_ndb_struct_na_base_pair.stagger 
_ndb_struct_na_base_pair.buckle 
_ndb_struct_na_base_pair.propeller 
_ndb_struct_na_base_pair.opening 
_ndb_struct_na_base_pair.pair_number 
_ndb_struct_na_base_pair.pair_name 
_ndb_struct_na_base_pair.i_auth_asym_id 
_ndb_struct_na_base_pair.i_auth_seq_id 
_ndb_struct_na_base_pair.i_PDB_ins_code 
_ndb_struct_na_base_pair.j_auth_asym_id 
_ndb_struct_na_base_pair.j_auth_seq_id 
_ndb_struct_na_base_pair.j_PDB_ins_code 
_ndb_struct_na_base_pair.hbond_type_28 
_ndb_struct_na_base_pair.hbond_type_12 
1 A DC 1  1_555 B DG 12 1_555 0.013  -0.282 0.465  -5.010 -9.673  -3.608  1  A_DC1:DG24_B  A 1  ? B 24 ? 19 1 
1 A DG 2  1_555 B DC 11 1_555 -0.714 -0.354 0.379  4.852  -16.203 0.362   2  A_DG2:DC23_B  A 2  ? B 23 ? 19 1 
1 A DC 3  1_555 B DG 10 1_555 -0.302 -0.296 0.628  -8.153 -14.099 -4.808  3  A_DC3:DG22_B  A 3  ? B 22 ? 19 1 
1 A DG 4  1_555 B DA 9  1_555 -0.124 4.647  0.076  -1.998 -20.640 -87.111 4  A_DG4:DA21_B  A 4  ? B 21 ? 9  3 
1 A DA 5  1_555 B DT 8  1_555 -0.310 -0.227 0.296  7.081  -10.293 3.654   5  A_DA5:DT20_B  A 5  ? B 20 ? 20 1 
1 A DA 6  1_555 B DT 7  1_555 -0.484 -0.277 0.195  9.091  -17.475 4.245   6  A_DA6:DT19_B  A 6  ? B 19 ? 20 1 
1 A DT 7  1_555 B DA 6  1_555 0.399  -0.290 0.332  -7.858 -14.048 3.479   7  A_DT7:DA18_B  A 7  ? B 18 ? 20 1 
1 A DT 8  1_555 B DA 5  1_555 0.947  -0.552 0.087  -2.199 -12.819 -2.296  8  A_DT8:DA17_B  A 8  ? B 17 ? 20 1 
1 A DA 9  1_555 B DG 4  1_555 -0.580 -4.158 -0.121 4.150  13.121  81.513  9  A_DA9:DG16_B  A 9  ? B 16 ? 9  3 
1 A DG 10 1_555 B DC 3  1_555 0.656  -0.236 0.427  8.768  -8.539  -4.062  10 A_DG10:DC15_B A 10 ? B 15 ? 19 1 
1 A DC 11 1_555 B DG 2  1_555 0.308  -0.361 0.412  0.490  -17.416 -7.278  11 A_DC11:DG14_B A 11 ? B 14 ? 19 1 
1 A DG 12 1_555 B DC 1  1_555 -0.255 -0.273 0.505  7.776  -7.166  -5.705  12 A_DG12:DC13_B A 12 ? B 13 ? 19 1 
# 
loop_
_ndb_struct_na_base_pair_step.model_number 
_ndb_struct_na_base_pair_step.i_label_asym_id_1 
_ndb_struct_na_base_pair_step.i_label_comp_id_1 
_ndb_struct_na_base_pair_step.i_label_seq_id_1 
_ndb_struct_na_base_pair_step.i_symmetry_1 
_ndb_struct_na_base_pair_step.j_label_asym_id_1 
_ndb_struct_na_base_pair_step.j_label_comp_id_1 
_ndb_struct_na_base_pair_step.j_label_seq_id_1 
_ndb_struct_na_base_pair_step.j_symmetry_1 
_ndb_struct_na_base_pair_step.i_label_asym_id_2 
_ndb_struct_na_base_pair_step.i_label_comp_id_2 
_ndb_struct_na_base_pair_step.i_label_seq_id_2 
_ndb_struct_na_base_pair_step.i_symmetry_2 
_ndb_struct_na_base_pair_step.j_label_asym_id_2 
_ndb_struct_na_base_pair_step.j_label_comp_id_2 
_ndb_struct_na_base_pair_step.j_label_seq_id_2 
_ndb_struct_na_base_pair_step.j_symmetry_2 
_ndb_struct_na_base_pair_step.shift 
_ndb_struct_na_base_pair_step.slide 
_ndb_struct_na_base_pair_step.rise 
_ndb_struct_na_base_pair_step.tilt 
_ndb_struct_na_base_pair_step.roll 
_ndb_struct_na_base_pair_step.twist 
_ndb_struct_na_base_pair_step.x_displacement 
_ndb_struct_na_base_pair_step.y_displacement 
_ndb_struct_na_base_pair_step.helical_rise 
_ndb_struct_na_base_pair_step.inclination 
_ndb_struct_na_base_pair_step.tip 
_ndb_struct_na_base_pair_step.helical_twist 
_ndb_struct_na_base_pair_step.step_number 
_ndb_struct_na_base_pair_step.step_name 
_ndb_struct_na_base_pair_step.i_auth_asym_id_1 
_ndb_struct_na_base_pair_step.i_auth_seq_id_1 
_ndb_struct_na_base_pair_step.i_PDB_ins_code_1 
_ndb_struct_na_base_pair_step.j_auth_asym_id_1 
_ndb_struct_na_base_pair_step.j_auth_seq_id_1 
_ndb_struct_na_base_pair_step.j_PDB_ins_code_1 
_ndb_struct_na_base_pair_step.i_auth_asym_id_2 
_ndb_struct_na_base_pair_step.i_auth_seq_id_2 
_ndb_struct_na_base_pair_step.i_PDB_ins_code_2 
_ndb_struct_na_base_pair_step.j_auth_asym_id_2 
_ndb_struct_na_base_pair_step.j_auth_seq_id_2 
_ndb_struct_na_base_pair_step.j_PDB_ins_code_2 
1 A DC 1  1_555 B DG 12 1_555 A DG 2  1_555 B DC 11 1_555 0.289  0.105  3.101  0.867    3.235    32.712  -0.340  -0.369 3.103  
5.725   -1.534  32.879   1  AA_DC1DG2:DC23DG24_BB   A 1  ? B 24 ? A 2  ? B 23 ? 
1 A DG 2  1_555 B DC 11 1_555 A DC 3  1_555 B DG 10 1_555 0.245  0.440  3.696  -1.608   -3.155   42.656  0.958   -0.516 3.645  
-4.329  2.205   42.796   2  AA_DG2DC3:DG22DC23_BB   A 2  ? B 23 ? A 3  ? B 22 ? 
1 A DC 3  1_555 B DG 10 1_555 A DG 4  1_555 B DA 9  1_555 0.798  -1.160 3.086  5.128    -0.168   69.817  -1.006  -0.522 3.133  
-0.147  -4.475  69.981   3  AA_DC3DG4:DA21DG22_BB   A 3  ? B 22 ? A 4  ? B 21 ? 
1 A DG 4  1_555 B DA 9  1_555 A DA 5  1_555 B DT 8  1_555 0.100  2.326  3.350  -3.910   5.242    -4.719  -27.758 -7.652 0.499  
-43.465 -32.419 -8.063   4  AA_DG4DA5:DT20DA21_BB   A 4  ? B 21 ? A 5  ? B 20 ? 
1 A DA 5  1_555 B DT 8  1_555 A DA 6  1_555 B DT 7  1_555 -0.032 -0.159 3.119  -0.022   -0.094   37.691  -0.234  0.046  3.119  
-0.146  0.035   37.691   5  AA_DA5DA6:DT19DT20_BB   A 5  ? B 20 ? A 6  ? B 19 ? 
1 A DA 6  1_555 B DT 7  1_555 A DT 7  1_555 B DA 6  1_555 0.230  -0.378 3.764  0.115    -3.753   35.976  0.003   -0.352 3.784  
-6.057  -0.186  36.165   6  AA_DA6DT7:DA18DT19_BB   A 6  ? B 19 ? A 7  ? B 18 ? 
1 A DT 7  1_555 B DA 6  1_555 A DT 8  1_555 B DA 5  1_555 -0.323 -0.018 3.091  1.757    -1.429   41.154  0.120   0.638  3.074  
-2.031  -2.497  41.213   7  AA_DT7DT8:DA17DA18_BB   A 7  ? B 18 ? A 8  ? B 17 ? 
1 A DT 8  1_555 B DA 5  1_555 A DA 9  1_555 B DG 4  1_555 -0.785 -3.453 2.168  -174.735 17.303   -36.029 1.641   -1.268 0.252  
-8.801  -88.883 -175.806 8  AA_DT8DA9:DG16DA17_BB   A 8  ? B 17 ? A 9  ? B 16 ? 
1 A DA 9  1_555 B DG 4  1_555 A DG 10 1_555 B DC 3  1_555 -2.370 -1.919 -1.423 134.729  -107.842 52.625  -1.474  0.547  -1.215 
-55.212 -68.977 173.345  9  AA_DA9DG10:DC15DG16_BB  A 9  ? B 16 ? A 10 ? B 15 ? 
1 A DG 10 1_555 B DC 3  1_555 A DC 11 1_555 B DG 2  1_555 -1.021 0.412  3.618  -4.132   -10.807  37.006  2.091   0.978  3.458  
-16.537 6.322   38.712   10 AA_DG10DC11:DG14DC15_BB A 10 ? B 15 ? A 11 ? B 14 ? 
1 A DC 11 1_555 B DG 2  1_555 A DG 12 1_555 B DC 1  1_555 0.177  -0.166 3.269  2.481    -1.151   34.523  -0.101  0.084  3.277  
-1.935  -4.171  34.628   11 AA_DC11DG12:DC13DG14_BB A 11 ? B 14 ? A 12 ? B 13 ? 
# 
_atom_sites.entry_id                    112D 
_atom_sites.fract_transf_matrix[1][1]   -0.01975434 
_atom_sites.fract_transf_matrix[1][2]   -0.00159283 
_atom_sites.fract_transf_matrix[1][3]   -0.03350317 
_atom_sites.fract_transf_matrix[2][1]   0.01882679 
_atom_sites.fract_transf_matrix[2][2]   -0.01003251 
_atom_sites.fract_transf_matrix[2][3]   -0.01062379 
_atom_sites.fract_transf_matrix[3][1]   -0.00527821 
_atom_sites.fract_transf_matrix[3][2]   -0.01390037 
_atom_sites.fract_transf_matrix[3][3]   0.00377303 
_atom_sites.fract_transf_vector[1]      0.587826 
_atom_sites.fract_transf_vector[2]      0.522373 
_atom_sites.fract_transf_vector[3]      0.115619 
# 
loop_
_atom_type.symbol 
C 
N 
O 
P 
# 
loop_
_atom_site.group_PDB 
_atom_site.id 
_atom_site.type_symbol 
_atom_site.label_atom_id 
_atom_site.label_alt_id 
_atom_site.label_comp_id 
_atom_site.label_asym_id 
_atom_site.label_entity_id 
_atom_site.label_seq_id 
_atom_site.pdbx_PDB_ins_code 
_atom_site.Cartn_x 
_atom_site.Cartn_y 
_atom_site.Cartn_z 
_atom_site.occupancy 
_atom_site.B_iso_or_equiv 
_atom_site.pdbx_formal_charge 
_atom_site.auth_seq_id 
_atom_site.auth_comp_id 
_atom_site.auth_asym_id 
_atom_site.auth_atom_id 
_atom_site.pdbx_PDB_model_num 
ATOM   1   O "O5'" . DC  A 1 1  ? 3.417   -20.936 -7.364  1.00 10.00 ? 1   DC  A "O5'" 1 
ATOM   2   C "C5'" . DC  A 1 1  ? 2.772   -20.938 -6.050  1.00 10.00 ? 1   DC  A "C5'" 1 
ATOM   3   C "C4'" . DC  A 1 1  ? 1.371   -20.377 -6.209  1.00 10.00 ? 1   DC  A "C4'" 1 
ATOM   4   O "O4'" . DC  A 1 1  ? 0.669   -20.395 -4.952  1.00 10.00 ? 1   DC  A "O4'" 1 
ATOM   5   C "C3'" . DC  A 1 1  ? 1.311   -18.954 -6.698  1.00 10.00 ? 1   DC  A "C3'" 1 
ATOM   6   O "O3'" . DC  A 1 1  ? 0.504   -18.667 -7.826  1.00 10.00 ? 1   DC  A "O3'" 1 
ATOM   7   C "C2'" . DC  A 1 1  ? 1.124   -18.147 -5.440  1.00 10.00 ? 1   DC  A "C2'" 1 
ATOM   8   C "C1'" . DC  A 1 1  ? 0.275   -19.060 -4.615  1.00 10.00 ? 1   DC  A "C1'" 1 
ATOM   9   N N1    . DC  A 1 1  ? 0.224   -18.901 -3.170  1.00 10.00 ? 1   DC  A N1    1 
ATOM   10  C C2    . DC  A 1 1  ? -1.050  -18.729 -2.569  1.00 10.00 ? 1   DC  A C2    1 
ATOM   11  O O2    . DC  A 1 1  ? -2.042  -18.674 -3.304  1.00 10.00 ? 1   DC  A O2    1 
ATOM   12  N N3    . DC  A 1 1  ? -1.124  -18.610 -1.230  1.00 10.00 ? 1   DC  A N3    1 
ATOM   13  C C4    . DC  A 1 1  ? -0.039  -18.651 -0.474  1.00 10.00 ? 1   DC  A C4    1 
ATOM   14  N N4    . DC  A 1 1  ? -0.135  -18.502 0.843   1.00 10.00 ? 1   DC  A N4    1 
ATOM   15  C C5    . DC  A 1 1  ? 1.251   -18.828 -1.068  1.00 10.00 ? 1   DC  A C5    1 
ATOM   16  C C6    . DC  A 1 1  ? 1.339   -18.959 -2.383  1.00 10.00 ? 1   DC  A C6    1 
ATOM   17  P P     . DG  A 1 2  ? 0.342   -17.145 -8.385  1.00 10.00 ? 2   DG  A P     1 
ATOM   18  O OP1   . DG  A 1 2  ? 0.112   -17.211 -9.849  1.00 10.00 ? 2   DG  A OP1   1 
ATOM   19  O OP2   . DG  A 1 2  ? 1.409   -16.234 -7.881  1.00 10.00 ? 2   DG  A OP2   1 
ATOM   20  O "O5'" . DG  A 1 2  ? -0.995  -16.743 -7.631  1.00 10.00 ? 2   DG  A "O5'" 1 
ATOM   21  C "C5'" . DG  A 1 2  ? -2.319  -17.161 -8.031  1.00 10.00 ? 2   DG  A "C5'" 1 
ATOM   22  C "C4'" . DG  A 1 2  ? -3.293  -16.262 -7.301  1.00 10.00 ? 2   DG  A "C4'" 1 
ATOM   23  O "O4'" . DG  A 1 2  ? -3.024  -16.324 -5.882  1.00 10.00 ? 2   DG  A "O4'" 1 
ATOM   24  C "C3'" . DG  A 1 2  ? -3.158  -14.810 -7.671  1.00 10.00 ? 2   DG  A "C3'" 1 
ATOM   25  O "O3'" . DG  A 1 2  ? -4.344  -14.070 -7.800  1.00 10.00 ? 2   DG  A "O3'" 1 
ATOM   26  C "C2'" . DG  A 1 2  ? -2.238  -14.233 -6.593  1.00 10.00 ? 2   DG  A "C2'" 1 
ATOM   27  C "C1'" . DG  A 1 2  ? -2.710  -15.018 -5.401  1.00 10.00 ? 2   DG  A "C1'" 1 
ATOM   28  N N9    . DG  A 1 2  ? -1.879  -15.064 -4.195  1.00 10.00 ? 2   DG  A N9    1 
ATOM   29  C C8    . DG  A 1 2  ? -0.510  -15.084 -4.026  1.00 10.00 ? 2   DG  A C8    1 
ATOM   30  N N7    . DG  A 1 2  ? -0.114  -15.129 -2.786  1.00 10.00 ? 2   DG  A N7    1 
ATOM   31  C C5    . DG  A 1 2  ? -1.300  -15.145 -2.067  1.00 10.00 ? 2   DG  A C5    1 
ATOM   32  C C6    . DG  A 1 2  ? -1.498  -15.209 -0.673  1.00 10.00 ? 2   DG  A C6    1 
ATOM   33  O O6    . DG  A 1 2  ? -0.617  -15.239 0.211   1.00 10.00 ? 2   DG  A O6    1 
ATOM   34  N N1    . DG  A 1 2  ? -2.859  -15.239 -0.353  1.00 10.00 ? 2   DG  A N1    1 
ATOM   35  C C2    . DG  A 1 2  ? -3.883  -15.193 -1.271  1.00 10.00 ? 2   DG  A C2    1 
ATOM   36  N N2    . DG  A 1 2  ? -5.145  -15.176 -0.802  1.00 10.00 ? 2   DG  A N2    1 
ATOM   37  N N3    . DG  A 1 2  ? -3.712  -15.140 -2.589  1.00 10.00 ? 2   DG  A N3    1 
ATOM   38  C C4    . DG  A 1 2  ? -2.391  -15.115 -2.898  1.00 10.00 ? 2   DG  A C4    1 
ATOM   39  P P     . DC  A 1 3  ? -4.326  -12.729 -8.666  1.00 10.00 ? 3   DC  A P     1 
ATOM   40  O OP1   . DC  A 1 3  ? -4.912  -13.034 -9.999  1.00 10.00 ? 3   DC  A OP1   1 
ATOM   41  O OP2   . DC  A 1 3  ? -2.992  -12.069 -8.685  1.00 10.00 ? 3   DC  A OP2   1 
ATOM   42  O "O5'" . DC  A 1 3  ? -5.337  -11.786 -7.846  1.00 10.00 ? 3   DC  A "O5'" 1 
ATOM   43  C "C5'" . DC  A 1 3  ? -6.629  -12.264 -7.387  1.00 10.00 ? 3   DC  A "C5'" 1 
ATOM   44  C "C4'" . DC  A 1 3  ? -6.712  -12.045 -5.906  1.00 10.00 ? 3   DC  A "C4'" 1 
ATOM   45  O "O4'" . DC  A 1 3  ? -5.620  -12.606 -5.172  1.00 10.00 ? 3   DC  A "O4'" 1 
ATOM   46  C "C3'" . DC  A 1 3  ? -6.712  -10.588 -5.466  1.00 10.00 ? 3   DC  A "C3'" 1 
ATOM   47  O "O3'" . DC  A 1 3  ? -7.964  -10.020 -5.839  1.00 10.00 ? 3   DC  A "O3'" 1 
ATOM   48  C "C2'" . DC  A 1 3  ? -6.421  -10.679 -3.988  1.00 10.00 ? 3   DC  A "C2'" 1 
ATOM   49  C "C1'" . DC  A 1 3  ? -5.420  -11.783 -4.006  1.00 10.00 ? 3   DC  A "C1'" 1 
ATOM   50  N N1    . DC  A 1 3  ? -4.051  -11.652 -3.566  1.00 10.00 ? 3   DC  A N1    1 
ATOM   51  C C2    . DC  A 1 3  ? -3.818  -11.648 -2.170  1.00 10.00 ? 3   DC  A C2    1 
ATOM   52  O O2    . DC  A 1 3  ? -4.793  -11.697 -1.402  1.00 10.00 ? 3   DC  A O2    1 
ATOM   53  N N3    . DC  A 1 3  ? -2.535  -11.580 -1.739  1.00 10.00 ? 3   DC  A N3    1 
ATOM   54  C C4    . DC  A 1 3  ? -1.522  -11.532 -2.586  1.00 10.00 ? 3   DC  A C4    1 
ATOM   55  N N4    . DC  A 1 3  ? -0.294  -11.459 -2.081  1.00 10.00 ? 3   DC  A N4    1 
ATOM   56  C C5    . DC  A 1 3  ? -1.733  -11.541 -3.996  1.00 10.00 ? 3   DC  A C5    1 
ATOM   57  C C6    . DC  A 1 3  ? -2.978  -11.595 -4.429  1.00 10.00 ? 3   DC  A C6    1 
ATOM   58  P P     . DG  A 1 4  ? -8.104  -8.438  -5.718  1.00 10.00 ? 4   DG  A P     1 
ATOM   59  O OP1   . DG  A 1 4  ? -9.381  -8.048  -6.362  1.00 10.00 ? 4   DG  A OP1   1 
ATOM   60  O OP2   . DG  A 1 4  ? -6.881  -7.731  -6.177  1.00 10.00 ? 4   DG  A OP2   1 
ATOM   61  O "O5'" . DG  A 1 4  ? -8.216  -8.297  -4.138  1.00 10.00 ? 4   DG  A "O5'" 1 
ATOM   62  C "C5'" . DG  A 1 4  ? -9.358  -8.864  -3.453  1.00 10.00 ? 4   DG  A "C5'" 1 
ATOM   63  C "C4'" . DG  A 1 4  ? -9.378  -8.252  -2.070  1.00 10.00 ? 4   DG  A "C4'" 1 
ATOM   64  O "O4'" . DG  A 1 4  ? -8.094  -8.476  -1.447  1.00 10.00 ? 4   DG  A "O4'" 1 
ATOM   65  C "C3'" . DG  A 1 4  ? -9.619  -6.744  -2.048  1.00 10.00 ? 4   DG  A "C3'" 1 
ATOM   66  O "O3'" . DG  A 1 4  ? -10.687 -6.386  -1.191  1.00 10.00 ? 4   DG  A "O3'" 1 
ATOM   67  C "C2'" . DG  A 1 4  ? -8.231  -6.165  -1.951  1.00 10.00 ? 4   DG  A "C2'" 1 
ATOM   68  C "C1'" . DG  A 1 4  ? -7.388  -7.250  -1.372  1.00 10.00 ? 4   DG  A "C1'" 1 
ATOM   69  N N9    . DG  A 1 4  ? -5.978  -7.389  -1.717  1.00 10.00 ? 4   DG  A N9    1 
ATOM   70  C C8    . DG  A 1 4  ? -5.300  -7.174  -2.894  1.00 10.00 ? 4   DG  A C8    1 
ATOM   71  N N7    . DG  A 1 4  ? -4.002  -7.374  -2.822  1.00 10.00 ? 4   DG  A N7    1 
ATOM   72  C C5    . DG  A 1 4  ? -3.809  -7.765  -1.500  1.00 10.00 ? 4   DG  A C5    1 
ATOM   73  C C6    . DG  A 1 4  ? -2.614  -8.121  -0.824  1.00 10.00 ? 4   DG  A C6    1 
ATOM   74  O O6    . DG  A 1 4  ? -1.451  -8.178  -1.259  1.00 10.00 ? 4   DG  A O6    1 
ATOM   75  N N1    . DG  A 1 4  ? -2.850  -8.442  0.501   1.00 10.00 ? 4   DG  A N1    1 
ATOM   76  C C2    . DG  A 1 4  ? -4.086  -8.436  1.100   1.00 10.00 ? 4   DG  A C2    1 
ATOM   77  N N2    . DG  A 1 4  ? -4.126  -8.767  2.396   1.00 10.00 ? 4   DG  A N2    1 
ATOM   78  N N3    . DG  A 1 4  ? -5.203  -8.099  0.487   1.00 10.00 ? 4   DG  A N3    1 
ATOM   79  C C4    . DG  A 1 4  ? -4.997  -7.774  -0.809  1.00 10.00 ? 4   DG  A C4    1 
ATOM   80  P P     . DA  A 1 5  ? -10.767 -5.013  -0.351  1.00 10.00 ? 5   DA  A P     1 
ATOM   81  O OP1   . DA  A 1 5  ? -12.005 -5.004  0.468   1.00 10.00 ? 5   DA  A OP1   1 
ATOM   82  O OP2   . DA  A 1 5  ? -10.528 -3.906  -1.322  1.00 10.00 ? 5   DA  A OP2   1 
ATOM   83  O "O5'" . DA  A 1 5  ? -9.484  -5.123  0.613   1.00 10.00 ? 5   DA  A "O5'" 1 
ATOM   84  C "C5'" . DA  A 1 5  ? -9.388  -6.224  1.570   1.00 10.00 ? 5   DA  A "C5'" 1 
ATOM   85  C "C4'" . DA  A 1 5  ? -8.776  -5.777  2.853   1.00 10.00 ? 5   DA  A "C4'" 1 
ATOM   86  O "O4'" . DA  A 1 5  ? -7.339  -5.867  2.858   1.00 10.00 ? 5   DA  A "O4'" 1 
ATOM   87  C "C3'" . DA  A 1 5  ? -9.027  -4.385  3.419   1.00 10.00 ? 5   DA  A "C3'" 1 
ATOM   88  O "O3'" . DA  A 1 5  ? -8.838  -4.416  4.837   1.00 10.00 ? 5   DA  A "O3'" 1 
ATOM   89  C "C2'" . DA  A 1 5  ? -7.947  -3.587  2.696   1.00 10.00 ? 5   DA  A "C2'" 1 
ATOM   90  C "C1'" . DA  A 1 5  ? -6.786  -4.558  2.679   1.00 10.00 ? 5   DA  A "C1'" 1 
ATOM   91  N N9    . DA  A 1 5  ? -5.904  -4.587  1.500   1.00 10.00 ? 5   DA  A N9    1 
ATOM   92  C C8    . DA  A 1 5  ? -6.200  -4.441  0.170   1.00 10.00 ? 5   DA  A C8    1 
ATOM   93  N N7    . DA  A 1 5  ? -5.156  -4.534  -0.623  1.00 10.00 ? 5   DA  A N7    1 
ATOM   94  C C5    . DA  A 1 5  ? -4.097  -4.774  0.238   1.00 10.00 ? 5   DA  A C5    1 
ATOM   95  C C6    . DA  A 1 5  ? -2.727  -4.968  0.006   1.00 10.00 ? 5   DA  A C6    1 
ATOM   96  N N6    . DA  A 1 5  ? -2.131  -4.951  -1.191  1.00 10.00 ? 5   DA  A N6    1 
ATOM   97  N N1    . DA  A 1 5  ? -1.960  -5.166  1.094   1.00 10.00 ? 5   DA  A N1    1 
ATOM   98  C C2    . DA  A 1 5  ? -2.496  -5.177  2.319   1.00 10.00 ? 5   DA  A C2    1 
ATOM   99  N N3    . DA  A 1 5  ? -3.796  -5.034  2.645   1.00 10.00 ? 5   DA  A N3    1 
ATOM   100 C C4    . DA  A 1 5  ? -4.545  -4.825  1.545   1.00 10.00 ? 5   DA  A C4    1 
ATOM   101 P P     . DA  A 1 6  ? -8.924  -3.140  5.785   1.00 10.00 ? 6   DA  A P     1 
ATOM   102 O OP1   . DA  A 1 6  ? -9.446  -3.526  7.135   1.00 10.00 ? 6   DA  A OP1   1 
ATOM   103 O OP2   . DA  A 1 6  ? -9.694  -2.061  5.107   1.00 10.00 ? 6   DA  A OP2   1 
ATOM   104 O "O5'" . DA  A 1 6  ? -7.370  -2.785  5.983   1.00 10.00 ? 6   DA  A "O5'" 1 
ATOM   105 C "C5'" . DA  A 1 6  ? -6.493  -3.754  6.608   1.00 10.00 ? 6   DA  A "C5'" 1 
ATOM   106 C "C4'" . DA  A 1 6  ? -5.128  -3.197  6.805   1.00 10.00 ? 6   DA  A "C4'" 1 
ATOM   107 O "O4'" . DA  A 1 6  ? -4.309  -3.198  5.643   1.00 10.00 ? 6   DA  A "O4'" 1 
ATOM   108 C "C3'" . DA  A 1 6  ? -4.947  -1.833  7.449   1.00 10.00 ? 6   DA  A "C3'" 1 
ATOM   109 O "O3'" . DA  A 1 6  ? -3.966  -1.969  8.477   1.00 10.00 ? 6   DA  A "O3'" 1 
ATOM   110 C "C2'" . DA  A 1 6  ? -4.455  -0.933  6.331   1.00 10.00 ? 6   DA  A "C2'" 1 
ATOM   111 C "C1'" . DA  A 1 6  ? -3.677  -1.892  5.482   1.00 10.00 ? 6   DA  A "C1'" 1 
ATOM   112 N N9    . DA  A 1 6  ? -3.691  -1.723  4.017   1.00 10.00 ? 6   DA  A N9    1 
ATOM   113 C C8    . DA  A 1 6  ? -4.720  -1.411  3.170   1.00 10.00 ? 6   DA  A C8    1 
ATOM   114 N N7    . DA  A 1 6  ? -4.374  -1.377  1.896   1.00 10.00 ? 6   DA  A N7    1 
ATOM   115 C C5    . DA  A 1 6  ? -3.030  -1.734  1.905   1.00 10.00 ? 6   DA  A C5    1 
ATOM   116 C C6    . DA  A 1 6  ? -2.087  -1.891  0.871   1.00 10.00 ? 6   DA  A C6    1 
ATOM   117 N N6    . DA  A 1 6  ? -2.331  -1.727  -0.432  1.00 10.00 ? 6   DA  A N6    1 
ATOM   118 N N1    . DA  A 1 6  ? -0.849  -2.237  1.246   1.00 10.00 ? 6   DA  A N1    1 
ATOM   119 C C2    . DA  A 1 6  ? -0.539  -2.401  2.534   1.00 10.00 ? 6   DA  A C2    1 
ATOM   120 N N3    . DA  A 1 6  ? -1.353  -2.287  3.591   1.00 10.00 ? 6   DA  A N3    1 
ATOM   121 C C4    . DA  A 1 6  ? -2.596  -1.949  3.206   1.00 10.00 ? 6   DA  A C4    1 
ATOM   122 P P     . DT  A 1 7  ? -3.527  -0.869  9.515   1.00 10.00 ? 7   DT  A P     1 
ATOM   123 O OP1   . DT  A 1 7  ? -3.563  -1.412  10.905  1.00 10.00 ? 7   DT  A OP1   1 
ATOM   124 O OP2   . DT  A 1 7  ? -4.356  0.359   9.325   1.00 10.00 ? 7   DT  A OP2   1 
ATOM   125 O "O5'" . DT  A 1 7  ? -2.018  -0.542  9.171   1.00 10.00 ? 7   DT  A "O5'" 1 
ATOM   126 C "C5'" . DT  A 1 7  ? -1.115  -1.261  8.342   1.00 10.00 ? 7   DT  A "C5'" 1 
ATOM   127 C "C4'" . DT  A 1 7  ? -0.319  -0.399  7.434   1.00 10.00 ? 7   DT  A "C4'" 1 
ATOM   128 O "O4'" . DT  A 1 7  ? -0.765  -0.403  6.082   1.00 10.00 ? 7   DT  A "O4'" 1 
ATOM   129 C "C3'" . DT  A 1 7  ? 0.082   1.017   7.805   1.00 10.00 ? 7   DT  A "C3'" 1 
ATOM   130 O "O3'" . DT  A 1 7  ? 1.346   0.959   8.462   1.00 10.00 ? 7   DT  A "O3'" 1 
ATOM   131 C "C2'" . DT  A 1 7  ? -0.004  1.782   6.524   1.00 10.00 ? 7   DT  A "C2'" 1 
ATOM   132 C "C1'" . DT  A 1 7  ? -0.183  0.744   5.447   1.00 10.00 ? 7   DT  A "C1'" 1 
ATOM   133 N N1    . DT  A 1 7  ? -1.006  1.109   4.294   1.00 10.00 ? 7   DT  A N1    1 
ATOM   134 C C2    . DT  A 1 7  ? -0.374  1.111   3.061   1.00 10.00 ? 7   DT  A C2    1 
ATOM   135 O O2    . DT  A 1 7  ? 0.801   0.851   2.873   1.00 10.00 ? 7   DT  A O2    1 
ATOM   136 N N3    . DT  A 1 7  ? -1.183  1.471   2.010   1.00 10.00 ? 7   DT  A N3    1 
ATOM   137 C C4    . DT  A 1 7  ? -2.521  1.796   2.025   1.00 10.00 ? 7   DT  A C4    1 
ATOM   138 O O4    . DT  A 1 7  ? -3.078  2.056   0.960   1.00 10.00 ? 7   DT  A O4    1 
ATOM   139 C C5    . DT  A 1 7  ? -3.098  1.747   3.343   1.00 10.00 ? 7   DT  A C5    1 
ATOM   140 C C7    . DT  A 1 7  ? -4.553  2.065   3.515   1.00 10.00 ? 7   DT  A C7    1 
ATOM   141 C C6    . DT  A 1 7  ? -2.351  1.408   4.386   1.00 10.00 ? 7   DT  A C6    1 
ATOM   142 P P     . DT  A 1 8  ? 2.242   2.172   8.933   1.00 10.00 ? 8   DT  A P     1 
ATOM   143 O OP1   . DT  A 1 8  ? 2.892   1.855   10.242  1.00 10.00 ? 8   DT  A OP1   1 
ATOM   144 O OP2   . DT  A 1 8  ? 1.397   3.397   8.952   1.00 10.00 ? 8   DT  A OP2   1 
ATOM   145 O "O5'" . DT  A 1 8  ? 3.399   2.333   7.885   1.00 10.00 ? 8   DT  A "O5'" 1 
ATOM   146 C "C5'" . DT  A 1 8  ? 4.003   1.376   7.034   1.00 10.00 ? 8   DT  A "C5'" 1 
ATOM   147 C "C4'" . DT  A 1 8  ? 4.516   2.031   5.790   1.00 10.00 ? 8   DT  A "C4'" 1 
ATOM   148 O "O4'" . DT  A 1 8  ? 3.497   2.191   4.823   1.00 10.00 ? 8   DT  A "O4'" 1 
ATOM   149 C "C3'" . DT  A 1 8  ? 5.289   3.341   5.895   1.00 10.00 ? 8   DT  A "C3'" 1 
ATOM   150 O "O3'" . DT  A 1 8  ? 6.661   3.105   5.963   1.00 10.00 ? 8   DT  A "O3'" 1 
ATOM   151 C "C2'" . DT  A 1 8  ? 4.597   4.280   4.969   1.00 10.00 ? 8   DT  A "C2'" 1 
ATOM   152 C "C1'" . DT  A 1 8  ? 3.696   3.460   4.107   1.00 10.00 ? 8   DT  A "C1'" 1 
ATOM   153 N N1    . DT  A 1 8  ? 2.380   3.926   3.661   1.00 10.00 ? 8   DT  A N1    1 
ATOM   154 C C2    . DT  A 1 8  ? 2.100   3.986   2.299   1.00 10.00 ? 8   DT  A C2    1 
ATOM   155 O O2    . DT  A 1 8  ? 2.922   3.730   1.419   1.00 10.00 ? 8   DT  A O2    1 
ATOM   156 N N3    . DT  A 1 8  ? 0.811   4.346   1.982   1.00 10.00 ? 8   DT  A N3    1 
ATOM   157 C C4    . DT  A 1 8  ? -0.194  4.674   2.845   1.00 10.00 ? 8   DT  A C4    1 
ATOM   158 O O4    . DT  A 1 8  ? -1.316  4.986   2.447   1.00 10.00 ? 8   DT  A O4    1 
ATOM   159 C C5    . DT  A 1 8  ? 0.174   4.594   4.231   1.00 10.00 ? 8   DT  A C5    1 
ATOM   160 C C7    . DT  A 1 8  ? -0.836  4.916   5.302   1.00 10.00 ? 8   DT  A C7    1 
ATOM   161 C C6    . DT  A 1 8  ? 1.396   4.231   4.576   1.00 10.00 ? 8   DT  A C6    1 
ATOM   162 P P     . DA  A 1 9  ? 7.940   3.935   5.513   1.00 10.00 ? 9   DA  A P     1 
ATOM   163 O OP1   . DA  A 1 9  ? 9.137   3.037   5.546   1.00 10.00 ? 9   DA  A OP1   1 
ATOM   164 O OP2   . DA  A 1 9  ? 8.057   5.177   6.328   1.00 10.00 ? 9   DA  A OP2   1 
ATOM   165 O "O5'" . DA  A 1 9  ? 7.615   4.365   4.015   1.00 10.00 ? 9   DA  A "O5'" 1 
ATOM   166 C "C5'" . DA  A 1 9  ? 8.072   3.651   2.844   1.00 10.00 ? 9   DA  A "C5'" 1 
ATOM   167 C "C4'" . DA  A 1 9  ? 7.905   4.568   1.673   1.00 10.00 ? 9   DA  A "C4'" 1 
ATOM   168 O "O4'" . DA  A 1 9  ? 6.528   4.922   1.496   1.00 10.00 ? 9   DA  A "O4'" 1 
ATOM   169 C "C3'" . DA  A 1 9  ? 8.675   5.880   1.725   1.00 10.00 ? 9   DA  A "C3'" 1 
ATOM   170 O "O3'" . DA  A 1 9  ? 9.720   5.788   0.754   1.00 10.00 ? 9   DA  A "O3'" 1 
ATOM   171 C "C2'" . DA  A 1 9  ? 7.642   6.972   1.545   1.00 10.00 ? 9   DA  A "C2'" 1 
ATOM   172 C "C1'" . DA  A 1 9  ? 6.545   6.226   0.842   1.00 10.00 ? 9   DA  A "C1'" 1 
ATOM   173 N N9    . DA  A 1 9  ? 5.156   6.684   0.902   1.00 10.00 ? 9   DA  A N9    1 
ATOM   174 C C8    . DA  A 1 9  ? 4.260   6.790   -0.145  1.00 10.00 ? 9   DA  A C8    1 
ATOM   175 N N7    . DA  A 1 9  ? 3.074   7.198   0.229   1.00 10.00 ? 9   DA  A N7    1 
ATOM   176 C C5    . DA  A 1 9  ? 3.179   7.350   1.600   1.00 10.00 ? 9   DA  A C5    1 
ATOM   177 C C6    . DA  A 1 9  ? 2.262   7.764   2.585   1.00 10.00 ? 9   DA  A C6    1 
ATOM   178 N N6    . DA  A 1 9  ? 0.999   8.103   2.277   1.00 10.00 ? 9   DA  A N6    1 
ATOM   179 N N1    . DA  A 1 9  ? 2.696   7.811   3.866   1.00 10.00 ? 9   DA  A N1    1 
ATOM   180 C C2    . DA  A 1 9  ? 3.958   7.466   4.123   1.00 10.00 ? 9   DA  A C2    1 
ATOM   181 N N3    . DA  A 1 9  ? 4.908   7.059   3.290   1.00 10.00 ? 9   DA  A N3    1 
ATOM   182 C C4    . DA  A 1 9  ? 4.449   7.030   2.036   1.00 10.00 ? 9   DA  A C4    1 
ATOM   183 P P     . DG  A 1 10 ? 10.719  7.006   0.517   1.00 10.00 ? 10  DG  A P     1 
ATOM   184 O OP1   . DG  A 1 10 ? 11.872  6.529   -0.293  1.00 10.00 ? 10  DG  A OP1   1 
ATOM   185 O OP2   . DG  A 1 10 ? 11.028  7.659   1.814   1.00 10.00 ? 10  DG  A OP2   1 
ATOM   186 O "O5'" . DG  A 1 10 ? 9.814   7.990   -0.387  1.00 10.00 ? 10  DG  A "O5'" 1 
ATOM   187 C "C5'" . DG  A 1 10 ? 9.457   7.593   -1.737  1.00 10.00 ? 10  DG  A "C5'" 1 
ATOM   188 C "C4'" . DG  A 1 10 ? 8.749   8.731   -2.430  1.00 10.00 ? 10  DG  A "C4'" 1 
ATOM   189 O "O4'" . DG  A 1 10 ? 7.443   8.890   -1.844  1.00 10.00 ? 10  DG  A "O4'" 1 
ATOM   190 C "C3'" . DG  A 1 10 ? 9.376   10.116  -2.418  1.00 10.00 ? 10  DG  A "C3'" 1 
ATOM   191 O "O3'" . DG  A 1 10 ? 9.124   10.865  -3.610  1.00 10.00 ? 10  DG  A "O3'" 1 
ATOM   192 C "C2'" . DG  A 1 10 ? 8.773   10.752  -1.179  1.00 10.00 ? 10  DG  A "C2'" 1 
ATOM   193 C "C1'" . DG  A 1 10 ? 7.392   10.176  -1.257  1.00 10.00 ? 10  DG  A "C1'" 1 
ATOM   194 N N9    . DG  A 1 10 ? 6.488   10.302  -0.124  1.00 10.00 ? 10  DG  A N9    1 
ATOM   195 C C8    . DG  A 1 10 ? 6.738   10.296  1.237   1.00 10.00 ? 10  DG  A C8    1 
ATOM   196 N N7    . DG  A 1 10 ? 5.673   10.496  1.966   1.00 10.00 ? 10  DG  A N7    1 
ATOM   197 C C5    . DG  A 1 10 ? 4.643   10.634  1.035   1.00 10.00 ? 10  DG  A C5    1 
ATOM   198 C C6    . DG  A 1 10 ? 3.263   10.853  1.235   1.00 10.00 ? 10  DG  A C6    1 
ATOM   199 O O6    . DG  A 1 10 ? 2.686   10.979  2.325   1.00 10.00 ? 10  DG  A O6    1 
ATOM   200 N N1    . DG  A 1 10 ? 2.567   10.915  0.039   1.00 10.00 ? 10  DG  A N1    1 
ATOM   201 C C2    . DG  A 1 10 ? 3.129   10.788  -1.208  1.00 10.00 ? 10  DG  A C2    1 
ATOM   202 N N2    . DG  A 1 10 ? 2.315   10.900  -2.277  1.00 10.00 ? 10  DG  A N2    1 
ATOM   203 N N3    . DG  A 1 10 ? 4.425   10.564  -1.412  1.00 10.00 ? 10  DG  A N3    1 
ATOM   204 C C4    . DG  A 1 10 ? 5.121   10.505  -0.256  1.00 10.00 ? 10  DG  A C4    1 
ATOM   205 P P     . DC  A 1 11 ? 10.361  11.255  -4.554  1.00 10.00 ? 11  DC  A P     1 
ATOM   206 O OP1   . DC  A 1 11 ? 11.308  10.136  -4.782  1.00 10.00 ? 11  DC  A OP1   1 
ATOM   207 O OP2   . DC  A 1 11 ? 11.026  12.469  -4.004  1.00 10.00 ? 11  DC  A OP2   1 
ATOM   208 O "O5'" . DC  A 1 11 ? 9.622   11.592  -5.937  1.00 10.00 ? 11  DC  A "O5'" 1 
ATOM   209 C "C5'" . DC  A 1 11 ? 8.776   10.589  -6.546  1.00 10.00 ? 11  DC  A "C5'" 1 
ATOM   210 C "C4'" . DC  A 1 11 ? 7.386   11.112  -6.725  1.00 10.00 ? 11  DC  A "C4'" 1 
ATOM   211 O "O4'" . DC  A 1 11 ? 6.672   11.242  -5.495  1.00 10.00 ? 11  DC  A "O4'" 1 
ATOM   212 C "C3'" . DC  A 1 11 ? 7.199   12.413  -7.493  1.00 10.00 ? 11  DC  A "C3'" 1 
ATOM   213 O "O3'" . DC  A 1 11 ? 6.130   12.267  -8.442  1.00 10.00 ? 11  DC  A "O3'" 1 
ATOM   214 C "C2'" . DC  A 1 11 ? 6.910   13.418  -6.395  1.00 10.00 ? 11  DC  A "C2'" 1 
ATOM   215 C "C1'" . DC  A 1 11 ? 6.115   12.583  -5.416  1.00 10.00 ? 11  DC  A "C1'" 1 
ATOM   216 N N1    . DC  A 1 11 ? 6.032   13.033  -4.030  1.00 10.00 ? 11  DC  A N1    1 
ATOM   217 C C2    . DC  A 1 11 ? 4.768   13.381  -3.512  1.00 10.00 ? 11  DC  A C2    1 
ATOM   218 O O2    . DC  A 1 11 ? 3.791   13.309  -4.270  1.00 10.00 ? 11  DC  A O2    1 
ATOM   219 N N3    . DC  A 1 11 ? 4.689   13.775  -2.225  1.00 10.00 ? 11  DC  A N3    1 
ATOM   220 C C4    . DC  A 1 11 ? 5.765   13.826  -1.459  1.00 10.00 ? 11  DC  A C4    1 
ATOM   221 N N4    . DC  A 1 11 ? 5.681   14.224  -0.187  1.00 10.00 ? 11  DC  A N4    1 
ATOM   222 C C5    . DC  A 1 11 ? 7.051   13.466  -1.965  1.00 10.00 ? 11  DC  A C5    1 
ATOM   223 C C6    . DC  A 1 11 ? 7.138   13.078  -3.223  1.00 10.00 ? 11  DC  A C6    1 
ATOM   224 P P     . DG  A 1 12 ? 5.969   13.172  -9.760  1.00 10.00 ? 12  DG  A P     1 
ATOM   225 O OP1   . DG  A 1 12 ? 5.263   12.359  -10.800 1.00 10.00 ? 12  DG  A OP1   1 
ATOM   226 O OP2   . DG  A 1 12 ? 7.281   13.743  -10.167 1.00 10.00 ? 12  DG  A OP2   1 
ATOM   227 O "O5'" . DG  A 1 12 ? 5.014   14.332  -9.233  1.00 10.00 ? 12  DG  A "O5'" 1 
ATOM   228 C "C5'" . DG  A 1 12 ? 3.565   14.280  -9.305  1.00 10.00 ? 12  DG  A "C5'" 1 
ATOM   229 C "C4'" . DG  A 1 12 ? 3.077   15.591  -8.736  1.00 10.00 ? 12  DG  A "C4'" 1 
ATOM   230 O "O4'" . DG  A 1 12 ? 3.560   15.690  -7.379  1.00 10.00 ? 12  DG  A "O4'" 1 
ATOM   231 C "C3'" . DG  A 1 12 ? 3.519   16.875  -9.428  1.00 10.00 ? 12  DG  A "C3'" 1 
ATOM   232 O "O3'" . DG  A 1 12 ? 2.474   17.430  -10.253 1.00 10.00 ? 12  DG  A "O3'" 1 
ATOM   233 C "C2'" . DG  A 1 12 ? 4.029   17.776  -8.312  1.00 10.00 ? 12  DG  A "C2'" 1 
ATOM   234 C "C1'" . DG  A 1 12 ? 3.526   17.112  -7.061  1.00 10.00 ? 12  DG  A "C1'" 1 
ATOM   235 N N9    . DG  A 1 12 ? 4.295   17.186  -5.817  1.00 10.00 ? 12  DG  A N9    1 
ATOM   236 C C8    . DG  A 1 12 ? 5.641   17.007  -5.632  1.00 10.00 ? 12  DG  A C8    1 
ATOM   237 N N7    . DG  A 1 12 ? 5.995   17.088  -4.385  1.00 10.00 ? 12  DG  A N7    1 
ATOM   238 C C5    . DG  A 1 12 ? 4.808   17.309  -3.696  1.00 10.00 ? 12  DG  A C5    1 
ATOM   239 C C6    . DG  A 1 12 ? 4.578   17.476  -2.311  1.00 10.00 ? 12  DG  A C6    1 
ATOM   240 O O6    . DG  A 1 12 ? 5.404   17.488  -1.406  1.00 10.00 ? 12  DG  A O6    1 
ATOM   241 N N1    . DG  A 1 12 ? 3.231   17.671  -2.022  1.00 10.00 ? 12  DG  A N1    1 
ATOM   242 C C2    . DG  A 1 12 ? 2.224   17.705  -2.962  1.00 10.00 ? 12  DG  A C2    1 
ATOM   243 N N2    . DG  A 1 12 ? 0.996   17.918  -2.462  1.00 10.00 ? 12  DG  A N2    1 
ATOM   244 N N3    . DG  A 1 12 ? 2.430   17.533  -4.262  1.00 10.00 ? 12  DG  A N3    1 
ATOM   245 C C4    . DG  A 1 12 ? 3.740   17.349  -4.563  1.00 10.00 ? 12  DG  A C4    1 
ATOM   246 O "O5'" . DC  B 1 1  ? -0.254  21.618  6.158   1.00 10.00 ? 13  DC  B "O5'" 1 
ATOM   247 C "C5'" . DC  B 1 1  ? -0.980  21.925  4.947   1.00 10.00 ? 13  DC  B "C5'" 1 
ATOM   248 C "C4'" . DC  B 1 1  ? -1.079  20.736  4.060   1.00 10.00 ? 13  DC  B "C4'" 1 
ATOM   249 O "O4'" . DC  B 1 1  ? 0.174   20.404  3.450   1.00 10.00 ? 13  DC  B "O4'" 1 
ATOM   250 C "C3'" . DC  B 1 1  ? -1.653  19.425  4.580   1.00 10.00 ? 13  DC  B "C3'" 1 
ATOM   251 O "O3'" . DC  B 1 1  ? -3.057  19.375  4.362   1.00 10.00 ? 13  DC  B "O3'" 1 
ATOM   252 C "C2'" . DC  B 1 1  ? -0.752  18.360  4.010   1.00 10.00 ? 13  DC  B "C2'" 1 
ATOM   253 C "C1'" . DC  B 1 1  ? 0.040   19.051  2.919   1.00 10.00 ? 13  DC  B "C1'" 1 
ATOM   254 N N1    . DC  B 1 1  ? 1.356   18.558  2.515   1.00 10.00 ? 13  DC  B N1    1 
ATOM   255 C C2    . DC  B 1 1  ? 1.584   18.247  1.162   1.00 10.00 ? 13  DC  B C2    1 
ATOM   256 O O2    . DC  B 1 1  ? 0.684   18.379  0.336   1.00 10.00 ? 13  DC  B O2    1 
ATOM   257 N N3    . DC  B 1 1  ? 2.801   17.814  0.791   1.00 10.00 ? 13  DC  B N3    1 
ATOM   258 C C4    . DC  B 1 1  ? 3.769   17.685  1.695   1.00 10.00 ? 13  DC  B C4    1 
ATOM   259 N N4    . DC  B 1 1  ? 4.977   17.245  1.315   1.00 10.00 ? 13  DC  B N4    1 
ATOM   260 C C5    . DC  B 1 1  ? 3.562   17.998  3.065   1.00 10.00 ? 13  DC  B C5    1 
ATOM   261 C C6    . DC  B 1 1  ? 2.373   18.431  3.420   1.00 10.00 ? 13  DC  B C6    1 
ATOM   262 P P     . DG  B 1 2  ? -3.936  18.118  3.907   1.00 10.00 ? 14  DG  B P     1 
ATOM   263 O OP1   . DG  B 1 2  ? -5.363  18.493  4.063   1.00 10.00 ? 14  DG  B OP1   1 
ATOM   264 O OP2   . DG  B 1 2  ? -3.495  16.906  4.645   1.00 10.00 ? 14  DG  B OP2   1 
ATOM   265 O "O5'" . DG  B 1 2  ? -3.562  17.929  2.386   1.00 10.00 ? 14  DG  B "O5'" 1 
ATOM   266 C "C5'" . DG  B 1 2  ? -4.309  18.546  1.307   1.00 10.00 ? 14  DG  B "C5'" 1 
ATOM   267 C "C4'" . DG  B 1 2  ? -4.231  17.601  0.136   1.00 10.00 ? 14  DG  B "C4'" 1 
ATOM   268 O "O4'" . DG  B 1 2  ? -2.847  17.296  -0.137  1.00 10.00 ? 14  DG  B "O4'" 1 
ATOM   269 C "C3'" . DG  B 1 2  ? -4.923  16.275  0.377   1.00 10.00 ? 14  DG  B "C3'" 1 
ATOM   270 O "O3'" . DG  B 1 2  ? -5.603  15.789  -0.774  1.00 10.00 ? 14  DG  B "O3'" 1 
ATOM   271 C "C2'" . DG  B 1 2  ? -3.783  15.373  0.794   1.00 10.00 ? 14  DG  B "C2'" 1 
ATOM   272 C "C1'" . DG  B 1 2  ? -2.585  15.906  0.013   1.00 10.00 ? 14  DG  B "C1'" 1 
ATOM   273 N N9    . DG  B 1 2  ? -1.248  15.515  0.464   1.00 10.00 ? 14  DG  B N9    1 
ATOM   274 C C8    . DG  B 1 2  ? -0.769  15.384  1.767   1.00 10.00 ? 14  DG  B C8    1 
ATOM   275 N N7    . DG  B 1 2  ? 0.434   14.956  1.873   1.00 10.00 ? 14  DG  B N7    1 
ATOM   276 C C5    . DG  B 1 2  ? 0.832   14.800  0.552   1.00 10.00 ? 14  DG  B C5    1 
ATOM   277 C C6    . DG  B 1 2  ? 2.084   14.340  0.060   1.00 10.00 ? 14  DG  B C6    1 
ATOM   278 O O6    . DG  B 1 2  ? 3.085   13.996  0.692   1.00 10.00 ? 14  DG  B O6    1 
ATOM   279 N N1    . DG  B 1 2  ? 2.076   14.289  -1.335  1.00 10.00 ? 14  DG  B N1    1 
ATOM   280 C C2    . DG  B 1 2  ? 1.008   14.628  -2.137  1.00 10.00 ? 14  DG  B C2    1 
ATOM   281 N N2    . DG  B 1 2  ? 1.289   14.505  -3.443  1.00 10.00 ? 14  DG  B N2    1 
ATOM   282 N N3    . DG  B 1 2  ? -0.160  15.060  -1.678  1.00 10.00 ? 14  DG  B N3    1 
ATOM   283 C C4    . DG  B 1 2  ? -0.177  15.124  -0.328  1.00 10.00 ? 14  DG  B C4    1 
ATOM   284 P P     . DC  B 1 3  ? -6.588  14.521  -0.700  1.00 10.00 ? 15  DC  B P     1 
ATOM   285 O OP1   . DC  B 1 3  ? -7.955  15.119  -0.516  1.00 10.00 ? 15  DC  B OP1   1 
ATOM   286 O OP2   . DC  B 1 3  ? -6.154  13.565  0.358   1.00 10.00 ? 15  DC  B OP2   1 
ATOM   287 O "O5'" . DC  B 1 3  ? -6.515  13.818  -2.128  1.00 10.00 ? 15  DC  B "O5'" 1 
ATOM   288 C "C5'" . DC  B 1 3  ? -5.940  14.309  -3.334  1.00 10.00 ? 15  DC  B "C5'" 1 
ATOM   289 C "C4'" . DC  B 1 3  ? -4.682  13.547  -3.613  1.00 10.00 ? 15  DC  B "C4'" 1 
ATOM   290 O "O4'" . DC  B 1 3  ? -3.818  13.604  -2.457  1.00 10.00 ? 15  DC  B "O4'" 1 
ATOM   291 C "C3'" . DC  B 1 3  ? -4.809  12.052  -3.810  1.00 10.00 ? 15  DC  B "C3'" 1 
ATOM   292 O "O3'" . DC  B 1 3  ? -5.444  11.649  -5.015  1.00 10.00 ? 15  DC  B "O3'" 1 
ATOM   293 C "C2'" . DC  B 1 3  ? -3.434  11.491  -3.553  1.00 10.00 ? 15  DC  B "C2'" 1 
ATOM   294 C "C1'" . DC  B 1 3  ? -2.896  12.516  -2.609  1.00 10.00 ? 15  DC  B "C1'" 1 
ATOM   295 N N1    . DC  B 1 3  ? -2.202  12.094  -1.413  1.00 10.00 ? 15  DC  B N1    1 
ATOM   296 C C2    . DC  B 1 3  ? -0.849  11.698  -1.559  1.00 10.00 ? 15  DC  B C2    1 
ATOM   297 O O2    . DC  B 1 3  ? -0.319  11.697  -2.681  1.00 10.00 ? 15  DC  B O2    1 
ATOM   298 N N3    . DC  B 1 3  ? -0.162  11.342  -0.457  1.00 10.00 ? 15  DC  B N3    1 
ATOM   299 C C4    . DC  B 1 3  ? -0.744  11.354  0.738   1.00 10.00 ? 15  DC  B C4    1 
ATOM   300 N N4    . DC  B 1 3  ? -0.037  10.979  1.801   1.00 10.00 ? 15  DC  B N4    1 
ATOM   301 C C5    . DC  B 1 3  ? -2.088  11.772  0.899   1.00 10.00 ? 15  DC  B C5    1 
ATOM   302 C C6    . DC  B 1 3  ? -2.775  12.098  -0.183  1.00 10.00 ? 15  DC  B C6    1 
ATOM   303 P P     . DG  B 1 4  ? -5.916  10.115  -5.156  1.00 10.00 ? 16  DG  B P     1 
ATOM   304 O OP1   . DG  B 1 4  ? -6.896  10.038  -6.275  1.00 10.00 ? 16  DG  B OP1   1 
ATOM   305 O OP2   . DG  B 1 4  ? -6.422  9.584   -3.868  1.00 10.00 ? 16  DG  B OP2   1 
ATOM   306 O "O5'" . DG  B 1 4  ? -4.538  9.403   -5.609  1.00 10.00 ? 16  DG  B "O5'" 1 
ATOM   307 C "C5'" . DG  B 1 4  ? -4.023  9.754   -6.911  1.00 10.00 ? 16  DG  B "C5'" 1 
ATOM   308 C "C4'" . DG  B 1 4  ? -2.845  8.880   -7.236  1.00 10.00 ? 16  DG  B "C4'" 1 
ATOM   309 O "O4'" . DG  B 1 4  ? -1.876  9.025   -6.193  1.00 10.00 ? 16  DG  B "O4'" 1 
ATOM   310 C "C3'" . DG  B 1 4  ? -3.159  7.402   -7.395  1.00 10.00 ? 16  DG  B "C3'" 1 
ATOM   311 O "O3'" . DG  B 1 4  ? -2.954  6.909   -8.711  1.00 10.00 ? 16  DG  B "O3'" 1 
ATOM   312 C "C2'" . DG  B 1 4  ? -2.580  6.772   -6.178  1.00 10.00 ? 16  DG  B "C2'" 1 
ATOM   313 C "C1'" . DG  B 1 4  ? -1.791  7.832   -5.461  1.00 10.00 ? 16  DG  B "C1'" 1 
ATOM   314 N N9    . DG  B 1 4  ? -1.998  7.951   -4.011  1.00 10.00 ? 16  DG  B N9    1 
ATOM   315 C C8    . DG  B 1 4  ? -3.139  8.054   -3.269  1.00 10.00 ? 16  DG  B C8    1 
ATOM   316 N N7    . DG  B 1 4  ? -2.932  8.053   -1.976  1.00 10.00 ? 16  DG  B N7    1 
ATOM   317 C C5    . DG  B 1 4  ? -1.560  7.964   -1.843  1.00 10.00 ? 16  DG  B C5    1 
ATOM   318 C C6    . DG  B 1 4  ? -0.742  7.945   -0.688  1.00 10.00 ? 16  DG  B C6    1 
ATOM   319 O O6    . DG  B 1 4  ? -1.098  8.027   0.496   1.00 10.00 ? 16  DG  B O6    1 
ATOM   320 N N1    . DG  B 1 4  ? 0.613   7.834   -1.004  1.00 10.00 ? 16  DG  B N1    1 
ATOM   321 C C2    . DG  B 1 4  ? 1.108   7.747   -2.277  1.00 10.00 ? 16  DG  B C2    1 
ATOM   322 N N2    . DG  B 1 4  ? 2.432   7.620   -2.482  1.00 10.00 ? 16  DG  B N2    1 
ATOM   323 N N3    . DG  B 1 4  ? 0.353   7.793   -3.375  1.00 10.00 ? 16  DG  B N3    1 
ATOM   324 C C4    . DG  B 1 4  ? -0.971  7.892   -3.085  1.00 10.00 ? 16  DG  B C4    1 
ATOM   325 P P     . DA  B 1 5  ? -2.190  5.560   -9.142  1.00 10.00 ? 17  DA  B P     1 
ATOM   326 O OP1   . DA  B 1 5  ? -1.945  5.524   -10.604 1.00 10.00 ? 17  DA  B OP1   1 
ATOM   327 O OP2   . DA  B 1 5  ? -2.961  4.400   -8.557  1.00 10.00 ? 17  DA  B OP2   1 
ATOM   328 O "O5'" . DA  B 1 5  ? -0.827  5.684   -8.342  1.00 10.00 ? 17  DA  B "O5'" 1 
ATOM   329 C "C5'" . DA  B 1 5  ? 0.383   6.296   -8.742  1.00 10.00 ? 17  DA  B "C5'" 1 
ATOM   330 C "C4'" . DA  B 1 5  ? 1.471   5.662   -7.911  1.00 10.00 ? 17  DA  B "C4'" 1 
ATOM   331 O "O4'" . DA  B 1 5  ? 1.161   5.777   -6.516  1.00 10.00 ? 17  DA  B "O4'" 1 
ATOM   332 C "C3'" . DA  B 1 5  ? 1.718   4.180   -8.201  1.00 10.00 ? 17  DA  B "C3'" 1 
ATOM   333 O "O3'" . DA  B 1 5  ? 3.057   3.955   -8.590  1.00 10.00 ? 17  DA  B "O3'" 1 
ATOM   334 C "C2'" . DA  B 1 5  ? 1.103   3.488   -6.999  1.00 10.00 ? 17  DA  B "C2'" 1 
ATOM   335 C "C1'" . DA  B 1 5  ? 1.315   4.464   -5.888  1.00 10.00 ? 17  DA  B "C1'" 1 
ATOM   336 N N9    . DA  B 1 5  ? 0.473   4.434   -4.689  1.00 10.00 ? 17  DA  B N9    1 
ATOM   337 C C8    . DA  B 1 5  ? -0.893  4.517   -4.570  1.00 10.00 ? 17  DA  B C8    1 
ATOM   338 N N7    . DA  B 1 5  ? -1.344  4.541   -3.339  1.00 10.00 ? 17  DA  B N7    1 
ATOM   339 C C5    . DA  B 1 5  ? -0.197  4.456   -2.575  1.00 10.00 ? 17  DA  B C5    1 
ATOM   340 C C6    . DA  B 1 5  ? 0.017   4.412   -1.192  1.00 10.00 ? 17  DA  B C6    1 
ATOM   341 N N6    . DA  B 1 5  ? -0.963  4.433   -0.284  1.00 10.00 ? 17  DA  B N6    1 
ATOM   342 N N1    . DA  B 1 5  ? 1.286   4.306   -0.765  1.00 10.00 ? 17  DA  B N1    1 
ATOM   343 C C2    . DA  B 1 5  ? 2.288   4.257   -1.634  1.00 10.00 ? 17  DA  B C2    1 
ATOM   344 N N3    . DA  B 1 5  ? 2.207   4.312   -2.977  1.00 10.00 ? 17  DA  B N3    1 
ATOM   345 C C4    . DA  B 1 5  ? 0.926   4.409   -3.381  1.00 10.00 ? 17  DA  B C4    1 
ATOM   346 P P     . DA  B 1 6  ? 3.850   2.581   -8.833  1.00 10.00 ? 18  DA  B P     1 
ATOM   347 O OP1   . DA  B 1 6  ? 5.171   2.826   -9.444  1.00 10.00 ? 18  DA  B OP1   1 
ATOM   348 O OP2   . DA  B 1 6  ? 2.978   1.611   -9.547  1.00 10.00 ? 18  DA  B OP2   1 
ATOM   349 O "O5'" . DA  B 1 6  ? 4.047   2.122   -7.306  1.00 10.00 ? 18  DA  B "O5'" 1 
ATOM   350 C "C5'" . DA  B 1 6  ? 5.057   2.758   -6.492  1.00 10.00 ? 18  DA  B "C5'" 1 
ATOM   351 C "C4'" . DA  B 1 6  ? 5.361   1.925   -5.290  1.00 10.00 ? 18  DA  B "C4'" 1 
ATOM   352 O "O4'" . DA  B 1 6  ? 4.382   2.023   -4.255  1.00 10.00 ? 18  DA  B "O4'" 1 
ATOM   353 C "C3'" . DA  B 1 6  ? 5.633   0.448   -5.530  1.00 10.00 ? 18  DA  B "C3'" 1 
ATOM   354 O "O3'" . DA  B 1 6  ? 7.002   0.190   -5.355  1.00 10.00 ? 18  DA  B "O3'" 1 
ATOM   355 C "C2'" . DA  B 1 6  ? 4.470   -0.248  -4.894  1.00 10.00 ? 18  DA  B "C2'" 1 
ATOM   356 C "C1'" . DA  B 1 6  ? 3.989   0.707   -3.824  1.00 10.00 ? 18  DA  B "C1'" 1 
ATOM   357 N N9    . DA  B 1 6  ? 2.544   0.794   -3.566  1.00 10.00 ? 18  DA  B N9    1 
ATOM   358 C C8    . DA  B 1 6  ? 1.487   0.811   -4.448  1.00 10.00 ? 18  DA  B C8    1 
ATOM   359 N N7    . DA  B 1 6  ? 0.311   0.922   -3.862  1.00 10.00 ? 18  DA  B N7    1 
ATOM   360 C C5    . DA  B 1 6  ? 0.622   1.033   -2.511  1.00 10.00 ? 18  DA  B C5    1 
ATOM   361 C C6    . DA  B 1 6  ? -0.194  1.156   -1.373  1.00 10.00 ? 18  DA  B C6    1 
ATOM   362 N N6    . DA  B 1 6  ? -1.523  1.240   -1.408  1.00 10.00 ? 18  DA  B N6    1 
ATOM   363 N N1    . DA  B 1 6  ? 0.452   1.197   -0.182  1.00 10.00 ? 18  DA  B N1    1 
ATOM   364 C C2    . DA  B 1 6  ? 1.775   1.132   -0.109  1.00 10.00 ? 18  DA  B C2    1 
ATOM   365 N N3    . DA  B 1 6  ? 2.633   1.009   -1.137  1.00 10.00 ? 18  DA  B N3    1 
ATOM   366 C C4    . DA  B 1 6  ? 1.984   0.958   -2.313  1.00 10.00 ? 18  DA  B C4    1 
ATOM   367 P P     . DT  B 1 7  ? 7.556   -1.060  -4.523  1.00 10.00 ? 19  DT  B P     1 
ATOM   368 O OP1   . DT  B 1 7  ? 9.015   -0.845  -4.313  1.00 10.00 ? 19  DT  B OP1   1 
ATOM   369 O OP2   . DT  B 1 7  ? 7.078   -2.308  -5.206  1.00 10.00 ? 19  DT  B OP2   1 
ATOM   370 O "O5'" . DT  B 1 7  ? 6.776   -0.983  -3.133  1.00 10.00 ? 19  DT  B "O5'" 1 
ATOM   371 C "C5'" . DT  B 1 7  ? 7.292   -0.368  -1.944  1.00 10.00 ? 19  DT  B "C5'" 1 
ATOM   372 C "C4'" . DT  B 1 7  ? 6.604   -1.017  -0.770  1.00 10.00 ? 19  DT  B "C4'" 1 
ATOM   373 O "O4'" . DT  B 1 7  ? 5.179   -0.874  -0.937  1.00 10.00 ? 19  DT  B "O4'" 1 
ATOM   374 C "C3'" . DT  B 1 7  ? 6.905   -2.496  -0.601  1.00 10.00 ? 19  DT  B "C3'" 1 
ATOM   375 O "O3'" . DT  B 1 7  ? 7.812   -2.725  0.461   1.00 10.00 ? 19  DT  B "O3'" 1 
ATOM   376 C "C2'" . DT  B 1 7  ? 5.572   -3.173  -0.639  1.00 10.00 ? 19  DT  B "C2'" 1 
ATOM   377 C "C1'" . DT  B 1 7  ? 4.571   -2.088  -0.452  1.00 10.00 ? 19  DT  B "C1'" 1 
ATOM   378 N N1    . DT  B 1 7  ? 3.253   -2.224  -1.078  1.00 10.00 ? 19  DT  B N1    1 
ATOM   379 C C2    . DT  B 1 7  ? 2.162   -2.197  -0.223  1.00 10.00 ? 19  DT  B C2    1 
ATOM   380 O O2    . DT  B 1 7  ? 2.200   -2.076  0.991   1.00 10.00 ? 19  DT  B O2    1 
ATOM   381 N N3    . DT  B 1 7  ? 0.946   -2.311  -0.859  1.00 10.00 ? 19  DT  B N3    1 
ATOM   382 C C4    . DT  B 1 7  ? 0.704   -2.460  -2.201  1.00 10.00 ? 19  DT  B C4    1 
ATOM   383 O O4    . DT  B 1 7  ? -0.466  -2.542  -2.550  1.00 10.00 ? 19  DT  B O4    1 
ATOM   384 C C5    . DT  B 1 7  ? 1.895   -2.480  -3.017  1.00 10.00 ? 19  DT  B C5    1 
ATOM   385 C C7    . DT  B 1 7  ? 1.779   -2.630  -4.502  1.00 10.00 ? 19  DT  B C7    1 
ATOM   386 C C6    . DT  B 1 7  ? 3.075   -2.354  -2.438  1.00 10.00 ? 19  DT  B C6    1 
ATOM   387 P P     . DT  B 1 8  ? 7.981   -4.124  1.216   1.00 10.00 ? 20  DT  B P     1 
ATOM   388 O OP1   . DT  B 1 8  ? 9.087   -4.049  2.191   1.00 10.00 ? 20  DT  B OP1   1 
ATOM   389 O OP2   . DT  B 1 8  ? 8.075   -5.228  0.222   1.00 10.00 ? 20  DT  B OP2   1 
ATOM   390 O "O5'" . DT  B 1 8  ? 6.558   -4.206  1.943   1.00 10.00 ? 20  DT  B "O5'" 1 
ATOM   391 C "C5'" . DT  B 1 8  ? 6.306   -3.347  3.086   1.00 10.00 ? 20  DT  B "C5'" 1 
ATOM   392 C "C4'" . DT  B 1 8  ? 5.265   -4.040  3.927   1.00 10.00 ? 20  DT  B "C4'" 1 
ATOM   393 O "O4'" . DT  B 1 8  ? 4.026   -4.045  3.207   1.00 10.00 ? 20  DT  B "O4'" 1 
ATOM   394 C "C3'" . DT  B 1 8  ? 5.529   -5.453  4.393   1.00 10.00 ? 20  DT  B "C3'" 1 
ATOM   395 O "O3'" . DT  B 1 8  ? 5.513   -5.581  5.805   1.00 10.00 ? 20  DT  B "O3'" 1 
ATOM   396 C "C2'" . DT  B 1 8  ? 4.540   -6.299  3.628   1.00 10.00 ? 20  DT  B "C2'" 1 
ATOM   397 C "C1'" . DT  B 1 8  ? 3.427   -5.354  3.219   1.00 10.00 ? 20  DT  B "C1'" 1 
ATOM   398 N N1    . DT  B 1 8  ? 2.725   -5.501  1.936   1.00 10.00 ? 20  DT  B N1    1 
ATOM   399 C C2    . DT  B 1 8  ? 1.337   -5.416  1.948   1.00 10.00 ? 20  DT  B C2    1 
ATOM   400 O O2    . DT  B 1 8  ? 0.612   -5.283  2.909   1.00 10.00 ? 20  DT  B O2    1 
ATOM   401 N N3    . DT  B 1 8  ? 0.767   -5.535  0.711   1.00 10.00 ? 20  DT  B N3    1 
ATOM   402 C C4    . DT  B 1 8  ? 1.386   -5.693  -0.511  1.00 10.00 ? 20  DT  B C4    1 
ATOM   403 O O4    . DT  B 1 8  ? 0.692   -5.767  -1.518  1.00 10.00 ? 20  DT  B O4    1 
ATOM   404 C C5    . DT  B 1 8  ? 2.822   -5.749  -0.434  1.00 10.00 ? 20  DT  B C5    1 
ATOM   405 C C7    . DT  B 1 8  ? 3.614   -5.933  -1.699  1.00 10.00 ? 20  DT  B C7    1 
ATOM   406 C C6    . DT  B 1 8  ? 3.415   -5.641  0.741   1.00 10.00 ? 20  DT  B C6    1 
ATOM   407 P P     . DA  B 1 9  ? 5.671   -6.972  6.570   1.00 10.00 ? 21  DA  B P     1 
ATOM   408 O OP1   . DA  B 1 9  ? 6.400   -6.703  7.843   1.00 10.00 ? 21  DA  B OP1   1 
ATOM   409 O OP2   . DA  B 1 9  ? 6.277   -8.019  5.686   1.00 10.00 ? 21  DA  B OP2   1 
ATOM   410 O "O5'" . DA  B 1 9  ? 4.186   -7.406  6.899   1.00 10.00 ? 21  DA  B "O5'" 1 
ATOM   411 C "C5'" . DA  B 1 9  ? 3.197   -6.678  7.641   1.00 10.00 ? 21  DA  B "C5'" 1 
ATOM   412 C "C4'" . DA  B 1 9  ? 1.874   -7.377  7.404   1.00 10.00 ? 21  DA  B "C4'" 1 
ATOM   413 O "O4'" . DA  B 1 9  ? 1.622   -7.374  5.977   1.00 10.00 ? 21  DA  B "O4'" 1 
ATOM   414 C "C3'" . DA  B 1 9  ? 1.801   -8.855  7.768   1.00 10.00 ? 21  DA  B "C3'" 1 
ATOM   415 O "O3'" . DA  B 1 9  ? 1.274   -9.096  9.058   1.00 10.00 ? 21  DA  B "O3'" 1 
ATOM   416 C "C2'" . DA  B 1 9  ? 1.177   -9.556  6.590   1.00 10.00 ? 21  DA  B "C2'" 1 
ATOM   417 C "C1'" . DA  B 1 9  ? 0.627   -8.429  5.784   1.00 10.00 ? 21  DA  B "C1'" 1 
ATOM   418 N N9    . DA  B 1 9  ? 0.394   -8.580  4.346   1.00 10.00 ? 21  DA  B N9    1 
ATOM   419 C C8    . DA  B 1 9  ? -0.788  -8.420  3.654   1.00 10.00 ? 21  DA  B C8    1 
ATOM   420 N N7    . DA  B 1 9  ? -0.687  -8.572  2.357   1.00 10.00 ? 21  DA  B N7    1 
ATOM   421 C C5    . DA  B 1 9  ? 0.656   -8.838  2.173   1.00 10.00 ? 21  DA  B C5    1 
ATOM   422 C C6    . DA  B 1 9  ? 1.416   -9.093  1.022   1.00 10.00 ? 21  DA  B C6    1 
ATOM   423 N N6    . DA  B 1 9  ? 0.891   -9.131  -0.192  1.00 10.00 ? 21  DA  B N6    1 
ATOM   424 N N1    . DA  B 1 9  ? 2.732   -9.317  1.194   1.00 10.00 ? 21  DA  B N1    1 
ATOM   425 C C2    . DA  B 1 9  ? 3.251   -9.280  2.426   1.00 10.00 ? 21  DA  B C2    1 
ATOM   426 N N3    . DA  B 1 9  ? 2.640   -9.062  3.594   1.00 10.00 ? 21  DA  B N3    1 
ATOM   427 C C4    . DA  B 1 9  ? 1.334   -8.838  3.386   1.00 10.00 ? 21  DA  B C4    1 
ATOM   428 P P     . DG  B 1 10 ? 1.240   -10.532 9.761   1.00 10.00 ? 22  DG  B P     1 
ATOM   429 O OP1   . DG  B 1 10 ? 1.251   -10.328 11.243  1.00 10.00 ? 22  DG  B OP1   1 
ATOM   430 O OP2   . DG  B 1 10 ? 2.339   -11.392 9.216   1.00 10.00 ? 22  DG  B OP2   1 
ATOM   431 O "O5'" . DG  B 1 10 ? -0.137  -11.167 9.340   1.00 10.00 ? 22  DG  B "O5'" 1 
ATOM   432 C "C5'" . DG  B 1 10 ? -1.310  -10.491 8.892   1.00 10.00 ? 22  DG  B "C5'" 1 
ATOM   433 C "C4'" . DG  B 1 10 ? -2.030  -11.313 7.875   1.00 10.00 ? 22  DG  B "C4'" 1 
ATOM   434 O "O4'" . DG  B 1 10 ? -1.408  -11.160 6.582   1.00 10.00 ? 22  DG  B "O4'" 1 
ATOM   435 C "C3'" . DG  B 1 10 ? -2.260  -12.796 8.133   1.00 10.00 ? 22  DG  B "C3'" 1 
ATOM   436 O "O3'" . DG  B 1 10 ? -3.646  -13.146 8.163   1.00 10.00 ? 22  DG  B "O3'" 1 
ATOM   437 C "C2'" . DG  B 1 10 ? -1.491  -13.467 7.004   1.00 10.00 ? 22  DG  B "C2'" 1 
ATOM   438 C "C1'" . DG  B 1 10 ? -1.694  -12.420 5.911   1.00 10.00 ? 22  DG  B "C1'" 1 
ATOM   439 N N9    . DG  B 1 10 ? -0.875  -12.542 4.700   1.00 10.00 ? 22  DG  B N9    1 
ATOM   440 C C8    . DG  B 1 10 ? 0.462   -12.843 4.559   1.00 10.00 ? 22  DG  B C8    1 
ATOM   441 N N7    . DG  B 1 10 ? 0.872   -12.878 3.332   1.00 10.00 ? 22  DG  B N7    1 
ATOM   442 C C5    . DG  B 1 10 ? -0.274  -12.572 2.593   1.00 10.00 ? 22  DG  B C5    1 
ATOM   443 C C6    . DG  B 1 10 ? -0.427  -12.442 1.191   1.00 10.00 ? 22  DG  B C6    1 
ATOM   444 O O6    . DG  B 1 10 ? 0.423   -12.613 0.318   1.00 10.00 ? 22  DG  B O6    1 
ATOM   445 N N1    . DG  B 1 10 ? -1.740  -12.129 0.875   1.00 10.00 ? 22  DG  B N1    1 
ATOM   446 C C2    . DG  B 1 10 ? -2.775  -11.935 1.760   1.00 10.00 ? 22  DG  B C2    1 
ATOM   447 N N2    . DG  B 1 10 ? -3.968  -11.641 1.228   1.00 10.00 ? 22  DG  B N2    1 
ATOM   448 N N3    . DG  B 1 10 ? -2.628  -12.029 3.078   1.00 10.00 ? 22  DG  B N3    1 
ATOM   449 C C4    . DG  B 1 10 ? -1.358  -12.361 3.418   1.00 10.00 ? 22  DG  B C4    1 
ATOM   450 P P     . DC  B 1 11 ? -4.161  -14.404 9.013   1.00 10.00 ? 23  DC  B P     1 
ATOM   451 O OP1   . DC  B 1 11 ? -4.542  -13.961 10.375  1.00 10.00 ? 23  DC  B OP1   1 
ATOM   452 O OP2   . DC  B 1 11 ? -3.147  -15.499 8.992   1.00 10.00 ? 23  DC  B OP2   1 
ATOM   453 O "O5'" . DC  B 1 11 ? -5.478  -14.847 8.190   1.00 10.00 ? 23  DC  B "O5'" 1 
ATOM   454 C "C5'" . DC  B 1 11 ? -6.500  -13.898 7.817   1.00 10.00 ? 23  DC  B "C5'" 1 
ATOM   455 C "C4'" . DC  B 1 11 ? -7.032  -14.136 6.431   1.00 10.00 ? 23  DC  B "C4'" 1 
ATOM   456 O "O4'" . DC  B 1 11 ? -6.086  -13.744 5.440   1.00 10.00 ? 23  DC  B "O4'" 1 
ATOM   457 C "C3'" . DC  B 1 11 ? -7.440  -15.552 6.103   1.00 10.00 ? 23  DC  B "C3'" 1 
ATOM   458 O "O3'" . DC  B 1 11 ? -8.790  -15.827 6.464   1.00 10.00 ? 23  DC  B "O3'" 1 
ATOM   459 C "C2'" . DC  B 1 11 ? -7.044  -15.754 4.670   1.00 10.00 ? 23  DC  B "C2'" 1 
ATOM   460 C "C1'" . DC  B 1 11 ? -5.979  -14.750 4.451   1.00 10.00 ? 23  DC  B "C1'" 1 
ATOM   461 N N1    . DC  B 1 11 ? -4.623  -15.169 4.143   1.00 10.00 ? 23  DC  B N1    1 
ATOM   462 C C2    . DC  B 1 11 ? -4.243  -15.177 2.791   1.00 10.00 ? 23  DC  B C2    1 
ATOM   463 O O2    . DC  B 1 11 ? -5.079  -14.867 1.941   1.00 10.00 ? 23  DC  B O2    1 
ATOM   464 N N3    . DC  B 1 11 ? -2.983  -15.529 2.459   1.00 10.00 ? 23  DC  B N3    1 
ATOM   465 C C4    . DC  B 1 11 ? -2.105  -15.873 3.399   1.00 10.00 ? 23  DC  B C4    1 
ATOM   466 N N4    . DC  B 1 11 ? -0.886  -16.213 2.980   1.00 10.00 ? 23  DC  B N4    1 
ATOM   467 C C5    . DC  B 1 11 ? -2.468  -15.861 4.768   1.00 10.00 ? 23  DC  B C5    1 
ATOM   468 C C6    . DC  B 1 11 ? -3.715  -15.514 5.099   1.00 10.00 ? 23  DC  B C6    1 
ATOM   469 P P     . DG  B 1 12 ? -9.274  -17.341 6.753   1.00 10.00 ? 24  DG  B P     1 
ATOM   470 O OP1   . DG  B 1 12 ? -10.667 -17.218 7.276   1.00 10.00 ? 24  DG  B OP1   1 
ATOM   471 O OP2   . DG  B 1 12 ? -8.305  -18.123 7.562   1.00 10.00 ? 24  DG  B OP2   1 
ATOM   472 O "O5'" . DG  B 1 12 ? -9.351  -17.934 5.257   1.00 10.00 ? 24  DG  B "O5'" 1 
ATOM   473 C "C5'" . DG  B 1 12 ? -10.249 -17.321 4.300   1.00 10.00 ? 24  DG  B "C5'" 1 
ATOM   474 C "C4'" . DG  B 1 12 ? -10.170 -17.947 2.952   1.00 10.00 ? 24  DG  B "C4'" 1 
ATOM   475 O "O4'" . DG  B 1 12 ? -9.174  -17.241 2.177   1.00 10.00 ? 24  DG  B "O4'" 1 
ATOM   476 C "C3'" . DG  B 1 12 ? -9.921  -19.423 2.765   1.00 10.00 ? 24  DG  B "C3'" 1 
ATOM   477 O "O3'" . DG  B 1 12 ? -11.105 -20.248 2.894   1.00 10.00 ? 24  DG  B "O3'" 1 
ATOM   478 C "C2'" . DG  B 1 12 ? -9.321  -19.470 1.367   1.00 10.00 ? 24  DG  B "C2'" 1 
ATOM   479 C "C1'" . DG  B 1 12 ? -8.505  -18.197 1.338   1.00 10.00 ? 24  DG  B "C1'" 1 
ATOM   480 N N9    . DG  B 1 12 ? -7.128  -18.407 1.830   1.00 10.00 ? 24  DG  B N9    1 
ATOM   481 C C8    . DG  B 1 12 ? -6.701  -18.601 3.119   1.00 10.00 ? 24  DG  B C8    1 
ATOM   482 N N7    . DG  B 1 12 ? -5.413  -18.768 3.216   1.00 10.00 ? 24  DG  B N7    1 
ATOM   483 C C5    . DG  B 1 12 ? -4.959  -18.694 1.897   1.00 10.00 ? 24  DG  B C5    1 
ATOM   484 C C6    . DG  B 1 12 ? -3.641  -18.797 1.376   1.00 10.00 ? 24  DG  B C6    1 
ATOM   485 O O6    . DG  B 1 12 ? -2.590  -18.983 2.001   1.00 10.00 ? 24  DG  B O6    1 
ATOM   486 N N1    . DG  B 1 12 ? -3.628  -18.644 -0.007  1.00 10.00 ? 24  DG  B N1    1 
ATOM   487 C C2    . DG  B 1 12 ? -4.724  -18.428 -0.797  1.00 10.00 ? 24  DG  B C2    1 
ATOM   488 N N2    . DG  B 1 12 ? -4.529  -18.307 -2.121  1.00 10.00 ? 24  DG  B N2    1 
ATOM   489 N N3    . DG  B 1 12 ? -5.955  -18.333 -0.311  1.00 10.00 ? 24  DG  B N3    1 
ATOM   490 C C4    . DG  B 1 12 ? -6.004  -18.474 1.034   1.00 10.00 ? 24  DG  B C4    1 
HETATM 491 O O     . HOH C 2 .  ? 3.177   13.202  4.099   1.00 10.00 ? 27  HOH A O     1 
HETATM 492 O O     . HOH C 2 .  ? 7.815   16.016  -8.676  1.00 10.00 ? 31  HOH A O     1 
HETATM 493 O O     . HOH C 2 .  ? -6.788  1.468   8.656   1.00 10.00 ? 33  HOH A O     1 
HETATM 494 O O     . HOH C 2 .  ? -0.507  -7.100  -3.600  1.00 10.00 ? 34  HOH A O     1 
HETATM 495 O O     . HOH C 2 .  ? 5.423   2.110   0.329   1.00 10.00 ? 36  HOH A O     1 
HETATM 496 O O     . HOH C 2 .  ? -1.981  -8.587  -6.106  1.00 10.00 ? 41  HOH A O     1 
HETATM 497 O O     . HOH C 2 .  ? 6.278   0.405   2.345   1.00 10.00 ? 42  HOH A O     1 
HETATM 498 O O     . HOH C 2 .  ? -9.542  0.542   9.875   1.00 10.00 ? 49  HOH A O     1 
HETATM 499 O O     . HOH C 2 .  ? 10.878  10.230  2.649   1.00 10.00 ? 51  HOH A O     1 
HETATM 500 O O     . HOH C 2 .  ? 10.709  7.356   -9.027  1.00 10.00 ? 53  HOH A O     1 
HETATM 501 O O     . HOH C 2 .  ? 10.509  8.130   -6.424  1.00 10.00 ? 56  HOH A O     1 
HETATM 502 O O     . HOH C 2 .  ? 4.059   15.476  -13.005 1.00 10.00 ? 58  HOH A O     1 
HETATM 503 O O     . HOH C 2 .  ? 2.700   -14.921 -3.622  1.00 10.00 ? 62  HOH A O     1 
HETATM 504 O O     . HOH C 2 .  ? -7.085  2.325   6.068   1.00 10.00 ? 63  HOH A O     1 
HETATM 505 O O     . HOH C 2 .  ? 0.310   -13.098 -7.697  1.00 10.00 ? 65  HOH A O     1 
HETATM 506 O O     . HOH C 2 .  ? 14.872  7.445   -0.511  1.00 10.00 ? 67  HOH A O     1 
HETATM 507 O O     . HOH C 2 .  ? -11.758 -5.103  5.668   1.00 10.00 ? 68  HOH A O     1 
HETATM 508 O O     . HOH C 2 .  ? 12.707  6.305   -4.878  1.00 10.00 ? 69  HOH A O     1 
HETATM 509 O O     . HOH C 2 .  ? 14.929  4.309   2.431   1.00 10.00 ? 70  HOH A O     1 
HETATM 510 O O     . HOH C 2 .  ? 12.970  6.138   2.982   1.00 10.00 ? 71  HOH A O     1 
HETATM 511 O O     . HOH C 2 .  ? 7.401   7.096   4.502   1.00 10.00 ? 72  HOH A O     1 
HETATM 512 O O     . HOH C 2 .  ? 3.645   5.391   7.568   1.00 10.00 ? 74  HOH A O     1 
HETATM 513 O O     . HOH C 2 .  ? 8.118   19.041  -0.453  1.00 10.00 ? 76  HOH A O     1 
HETATM 514 O O     . HOH C 2 .  ? 9.755   16.100  -5.920  1.00 10.00 ? 78  HOH A O     1 
HETATM 515 O O     . HOH C 2 .  ? 3.909   12.293  -13.493 1.00 10.00 ? 80  HOH A O     1 
HETATM 516 O O     . HOH C 2 .  ? -7.148  0.492   3.921   1.00 10.00 ? 81  HOH A O     1 
HETATM 517 O O     . HOH C 2 .  ? -6.641  -0.529  0.100   1.00 10.00 ? 82  HOH A O     1 
HETATM 518 O O     . HOH C 2 .  ? 1.583   -10.273 -3.808  1.00 10.00 ? 84  HOH A O     1 
HETATM 519 O O     . HOH C 2 .  ? 4.960   -0.401  9.778   1.00 10.00 ? 85  HOH A O     1 
HETATM 520 O O     . HOH C 2 .  ? -8.342  -1.991  9.113   1.00 10.00 ? 86  HOH A O     1 
HETATM 521 O O     . HOH C 2 .  ? 2.023   -15.932 0.744   1.00 10.00 ? 87  HOH A O     1 
HETATM 522 O O     . HOH C 2 .  ? 5.378   8.236   -3.616  1.00 10.00 ? 89  HOH A O     1 
HETATM 523 O O     . HOH C 2 .  ? -0.920  8.769   4.299   1.00 10.00 ? 90  HOH A O     1 
HETATM 524 O O     . HOH C 2 .  ? -3.892  5.187   1.626   1.00 10.00 ? 91  HOH A O     1 
HETATM 525 O O     . HOH C 2 .  ? 2.406   8.444   6.586   1.00 10.00 ? 94  HOH A O     1 
HETATM 526 O O     . HOH C 2 .  ? 0.401   -19.611 3.368   1.00 10.00 ? 97  HOH A O     1 
HETATM 527 O O     . HOH C 2 .  ? -5.516  -4.182  -3.407  1.00 10.00 ? 99  HOH A O     1 
HETATM 528 O O     . HOH C 2 .  ? 2.904   -16.804 3.215   1.00 10.00 ? 102 HOH A O     1 
HETATM 529 O O     . HOH C 2 .  ? 12.077  4.340   -1.365  1.00 10.00 ? 103 HOH A O     1 
HETATM 530 O O     . HOH C 2 .  ? -0.565  -10.132 -8.229  1.00 10.00 ? 105 HOH A O     1 
HETATM 531 O O     . HOH C 2 .  ? 10.334  15.560  -2.916  1.00 10.00 ? 107 HOH A O     1 
HETATM 532 O O     . HOH D 2 .  ? 3.138   -0.786  3.185   1.00 10.00 ? 25  HOH B O     1 
HETATM 533 O O     . HOH D 2 .  ? -10.353 19.079  -2.876  1.00 10.00 ? 26  HOH B O     1 
HETATM 534 O O     . HOH D 2 .  ? 0.357   -3.794  5.203   1.00 10.00 ? 28  HOH B O     1 
HETATM 535 O O     . HOH D 2 .  ? 5.251   23.408  3.623   1.00 10.00 ? 29  HOH B O     1 
HETATM 536 O O     . HOH D 2 .  ? -3.556  7.900   1.597   1.00 10.00 ? 30  HOH B O     1 
HETATM 537 O O     . HOH D 2 .  ? -8.268  18.305  2.671   1.00 10.00 ? 32  HOH B O     1 
HETATM 538 O O     . HOH D 2 .  ? -4.200  4.709   -2.262  1.00 10.00 ? 35  HOH B O     1 
HETATM 539 O O     . HOH D 2 .  ? 2.542   -1.263  -7.142  1.00 10.00 ? 37  HOH B O     1 
HETATM 540 O O     . HOH D 2 .  ? -5.117  -11.173 5.481   1.00 10.00 ? 38  HOH B O     1 
HETATM 541 O O     . HOH D 2 .  ? -8.114  16.981  -2.518  1.00 10.00 ? 39  HOH B O     1 
HETATM 542 O O     . HOH D 2 .  ? -2.571  -12.125 12.502  1.00 10.00 ? 40  HOH B O     1 
HETATM 543 O O     . HOH D 2 .  ? 7.464   17.143  3.276   1.00 10.00 ? 43  HOH B O     1 
HETATM 544 O O     . HOH D 2 .  ? -11.250 -14.710 6.077   1.00 10.00 ? 44  HOH B O     1 
HETATM 545 O O     . HOH D 2 .  ? 11.625  -6.556  0.878   1.00 10.00 ? 45  HOH B O     1 
HETATM 546 O O     . HOH D 2 .  ? -7.735  13.513  -6.421  1.00 10.00 ? 46  HOH B O     1 
HETATM 547 O O     . HOH D 2 .  ? -7.191  -14.420 12.084  1.00 10.00 ? 47  HOH B O     1 
HETATM 548 O O     . HOH D 2 .  ? 2.615   -2.370  5.948   1.00 10.00 ? 48  HOH B O     1 
HETATM 549 O O     . HOH D 2 .  ? -6.993  21.161  3.897   1.00 10.00 ? 50  HOH B O     1 
HETATM 550 O O     . HOH D 2 .  ? -2.027  1.069   -9.159  1.00 10.00 ? 52  HOH B O     1 
HETATM 551 O O     . HOH D 2 .  ? 5.264   -4.514  -3.787  1.00 10.00 ? 54  HOH B O     1 
HETATM 552 O O     . HOH D 2 .  ? 2.791   -2.540  8.670   1.00 10.00 ? 55  HOH B O     1 
HETATM 553 O O     . HOH D 2 .  ? 5.827   4.162   -2.415  1.00 10.00 ? 57  HOH B O     1 
HETATM 554 O O     . HOH D 2 .  ? -5.686  13.031  3.286   1.00 10.00 ? 59  HOH B O     1 
HETATM 555 O O     . HOH D 2 .  ? 2.193   22.240  3.393   1.00 10.00 ? 60  HOH B O     1 
HETATM 556 O O     . HOH D 2 .  ? -1.820  1.319   -6.093  1.00 10.00 ? 61  HOH B O     1 
HETATM 557 O O     . HOH D 2 .  ? -4.314  22.054  5.638   1.00 10.00 ? 64  HOH B O     1 
HETATM 558 O O     . HOH D 2 .  ? 0.802   0.759   -8.119  1.00 10.00 ? 66  HOH B O     1 
HETATM 559 O O     . HOH D 2 .  ? 3.993   1.736   -12.063 1.00 10.00 ? 73  HOH B O     1 
HETATM 560 O O     . HOH D 2 .  ? 3.640   -12.906 3.868   1.00 10.00 ? 75  HOH B O     1 
HETATM 561 O O     . HOH D 2 .  ? 6.352   -9.119  -2.264  1.00 10.00 ? 77  HOH B O     1 
HETATM 562 O O     . HOH D 2 .  ? 4.749   -0.890  -12.169 1.00 10.00 ? 79  HOH B O     1 
HETATM 563 O O     . HOH D 2 .  ? 4.028   4.902   -11.639 1.00 10.00 ? 83  HOH B O     1 
HETATM 564 O O     . HOH D 2 .  ? -1.053  24.302  7.478   1.00 10.00 ? 88  HOH B O     1 
HETATM 565 O O     . HOH D 2 .  ? -0.676  -8.384  11.443  1.00 10.00 ? 92  HOH B O     1 
HETATM 566 O O     . HOH D 2 .  ? 6.750   -0.225  -8.857  1.00 10.00 ? 93  HOH B O     1 
HETATM 567 O O     . HOH D 2 .  ? 5.018   -4.369  8.254   1.00 10.00 ? 95  HOH B O     1 
HETATM 568 O O     . HOH D 2 .  ? -5.891  19.344  6.937   1.00 10.00 ? 96  HOH B O     1 
HETATM 569 O O     . HOH D 2 .  ? -5.986  -18.265 5.990   1.00 10.00 ? 98  HOH B O     1 
HETATM 570 O O     . HOH D 2 .  ? 3.698   -11.101 6.729   1.00 10.00 ? 100 HOH B O     1 
HETATM 571 O O     . HOH D 2 .  ? 6.001   19.848  1.181   1.00 10.00 ? 101 HOH B O     1 
HETATM 572 O O     . HOH D 2 .  ? -7.714  23.289  4.424   1.00 10.00 ? 104 HOH B O     1 
HETATM 573 O O     . HOH D 2 .  ? -2.544  -3.932  -3.762  1.00 10.00 ? 106 HOH B O     1 
# 
